data_7B2I
#
_entry.id   7B2I
#
_cell.length_a   100.587
_cell.length_b   100.587
_cell.length_c   202.235
_cell.angle_alpha   90.000
_cell.angle_beta   90.000
_cell.angle_gamma   90.000
#
_symmetry.space_group_name_H-M   'P 43 2 2'
#
loop_
_entity.id
_entity.type
_entity.pdbx_description
1 polymer 'Queuine tRNA-ribosyltransferase accessory subunit 2'
2 polymer 'Queuine tRNA-ribosyltransferase catalytic subunit 1'
3 non-polymer 'ZINC ION'
4 non-polymer 'SULFATE ION'
5 non-polymer DI(HYDROXYETHYL)ETHER
6 non-polymer 'TETRAETHYLENE GLYCOL'
7 non-polymer 'TRIETHYLENE GLYCOL'
8 non-polymer 'HEXAETHYLENE GLYCOL'
9 non-polymer 'CITRIC ACID'
10 water water
#
loop_
_entity_poly.entity_id
_entity_poly.type
_entity_poly.pdbx_seq_one_letter_code
_entity_poly.pdbx_strand_id
1 'polypeptide(L)'
;GPKLSLIKVVNGCRLGKIQNLGKAGDCTVDIPGCLLYTRTGSAPHLTHQTLRNIHGVPGIAQLTLSSLAEHHEVLAEYKK
GVGSFIGMPESLFYCSLHDPVTPGPAGYVTSKSVSVWGFGGRVEMTVSKFMAIQEALQPDWFQCLSDGEASCAETTSIKR
ARKSVDRSLLFLDSCLRLQEESEVLQKSVIIGVIEGGDVMEERLRSARETAKRPVGGFLLDGFQGDPAVTETRLHLLSSV
TAELPEDKPRLICGVSRPDEVLECIERGVDLFESFFPYQVTERGCALTFTFDCQLNPEETLLQQNGIQEKIKGLDQAKKI
EATGCNQEMTSFEINLKEKKYQEDFDPLVRGCSCYCCKNHTRAYIHHLLMTNELLAGVLLMMHNFEHYFGFFCSIREALK
NDTLAQLKELICRQMFDNN
;
A
2 'polypeptide(L)'
;GPESAPRIMRLVAECSRSGARAGELRLPHGTVATPVFMPVGTQATMKGITTEQLDSLGCRICLGNTYHLGLRPGPELIRK
AQGLHGFMNWPHNLLTDSGGFQMVSLFSLSEVTEEGVHFRSPYDGEETLLSPERSVEIQNALGSDIIMQLDHVVSSTVTG
PLVEEAMHRSVRWLDRCIAAHKHPDKQNLFAIIQGGLNADLRTTCLKEMTKRDVPGFAIGGLSGGESKAQFWKMVALSTS
MLPKDKPRYLMGVGYATDLVVCVALGCDMFDCVYPTRTARFGSALVPTGNLQLKKKQYAKDFSPINPECPCPTCQTHSRA
FLHALLHSDNTTALHHLTVHNIAYQLQLLSAVRSSILEQRFPDFVRNFMRTMYGDHSLCPAWAVEALASVGIMLT
;
C
#
loop_
_chem_comp.id
_chem_comp.type
_chem_comp.name
_chem_comp.formula
CIT non-polymer 'CITRIC ACID' 'C6 H8 O7'
P6G non-polymer 'HEXAETHYLENE GLYCOL' 'C12 H26 O7'
PEG non-polymer DI(HYDROXYETHYL)ETHER 'C4 H10 O3'
PG4 non-polymer 'TETRAETHYLENE GLYCOL' 'C8 H18 O5'
PGE non-polymer 'TRIETHYLENE GLYCOL' 'C6 H14 O4'
SO4 non-polymer 'SULFATE ION' 'O4 S -2'
ZN non-polymer 'ZINC ION' 'Zn 2'
#
# COMPACT_ATOMS: atom_id res chain seq x y z
N PRO A 2 -11.62 -5.07 -34.29
CA PRO A 2 -10.20 -4.88 -34.00
C PRO A 2 -9.42 -4.38 -35.22
N LYS A 3 -9.00 -3.12 -35.21
CA LYS A 3 -8.41 -2.52 -36.39
C LYS A 3 -7.40 -1.44 -35.99
N LEU A 4 -6.26 -1.46 -36.67
CA LEU A 4 -5.25 -0.42 -36.53
C LEU A 4 -5.45 0.61 -37.64
N SER A 5 -5.77 1.84 -37.26
CA SER A 5 -5.96 2.92 -38.22
C SER A 5 -4.90 3.97 -37.99
N LEU A 6 -4.09 4.22 -39.03
CA LEU A 6 -3.04 5.22 -38.94
C LEU A 6 -3.64 6.61 -39.11
N ILE A 7 -3.34 7.49 -38.16
CA ILE A 7 -3.72 8.90 -38.26
C ILE A 7 -2.78 9.62 -39.22
N LYS A 8 -1.50 9.25 -39.22
CA LYS A 8 -0.45 9.90 -39.99
C LYS A 8 0.82 9.08 -39.86
N VAL A 9 1.58 8.98 -40.94
CA VAL A 9 2.93 8.41 -40.87
C VAL A 9 3.92 9.50 -41.25
N VAL A 10 4.88 9.75 -40.37
CA VAL A 10 5.80 10.88 -40.54
C VAL A 10 7.21 10.39 -40.23
N ASN A 11 8.05 10.31 -41.26
CA ASN A 11 9.48 10.04 -41.09
C ASN A 11 9.71 8.66 -40.48
N GLY A 12 8.94 7.68 -40.95
CA GLY A 12 9.01 6.32 -40.43
C GLY A 12 8.28 6.09 -39.12
N CYS A 13 7.61 7.11 -38.60
CA CYS A 13 6.97 7.04 -37.29
C CYS A 13 5.46 6.97 -37.47
N ARG A 14 4.85 5.92 -36.93
CA ARG A 14 3.42 5.66 -37.12
C ARG A 14 2.62 6.27 -35.97
N LEU A 15 1.77 7.23 -36.30
CA LEU A 15 0.83 7.81 -35.34
C LEU A 15 -0.57 7.25 -35.65
N GLY A 16 -1.19 6.62 -34.67
CA GLY A 16 -2.49 6.02 -34.93
C GLY A 16 -3.19 5.57 -33.67
N LYS A 17 -4.21 4.74 -33.87
CA LYS A 17 -5.00 4.18 -32.79
C LYS A 17 -5.41 2.77 -33.17
N ILE A 18 -5.36 1.86 -32.19
CA ILE A 18 -5.90 0.52 -32.33
C ILE A 18 -7.30 0.55 -31.74
N GLN A 19 -8.30 0.27 -32.57
CA GLN A 19 -9.69 0.45 -32.20
C GLN A 19 -10.42 -0.89 -32.20
N ASN A 20 -11.62 -0.86 -31.62
CA ASN A 20 -12.49 -2.04 -31.50
C ASN A 20 -11.79 -3.16 -30.71
N LEU A 21 -11.35 -2.81 -29.51
CA LEU A 21 -10.71 -3.79 -28.62
C LEU A 21 -11.64 -4.18 -27.48
N GLY A 25 -16.11 -4.26 -27.27
CA GLY A 25 -15.25 -3.75 -28.33
C GLY A 25 -15.24 -2.24 -28.43
N ASP A 26 -15.20 -1.58 -27.27
CA ASP A 26 -15.29 -0.13 -27.19
C ASP A 26 -13.99 0.52 -26.76
N CYS A 27 -12.88 -0.20 -26.83
CA CYS A 27 -11.61 0.25 -26.26
C CYS A 27 -10.62 0.63 -27.34
N THR A 28 -9.81 1.65 -27.07
CA THR A 28 -8.78 2.11 -27.98
C THR A 28 -7.42 2.12 -27.29
N VAL A 29 -6.38 1.99 -28.11
CA VAL A 29 -5.00 2.05 -27.65
C VAL A 29 -4.24 2.95 -28.62
N ASP A 30 -3.56 3.97 -28.08
CA ASP A 30 -2.83 4.91 -28.90
C ASP A 30 -1.46 4.36 -29.29
N ILE A 31 -1.04 4.63 -30.52
CA ILE A 31 0.32 4.31 -30.93
C ILE A 31 0.98 5.57 -31.50
N PRO A 32 2.28 5.79 -31.28
CA PRO A 32 3.10 4.93 -30.41
C PRO A 32 2.69 5.06 -28.96
N GLY A 33 2.86 3.98 -28.20
CA GLY A 33 2.47 4.06 -26.80
C GLY A 33 3.09 2.92 -26.03
N CYS A 34 2.73 2.85 -24.75
CA CYS A 34 3.27 1.80 -23.90
C CYS A 34 2.13 0.99 -23.30
N LEU A 35 2.50 -0.14 -22.72
N LEU A 35 2.49 -0.16 -22.73
CA LEU A 35 1.59 -1.01 -21.99
CA LEU A 35 1.56 -0.99 -21.99
C LEU A 35 1.88 -0.86 -20.50
C LEU A 35 1.87 -0.84 -20.51
N LEU A 36 0.82 -0.82 -19.68
CA LEU A 36 1.02 -0.73 -18.24
C LEU A 36 1.75 -1.97 -17.72
N TYR A 37 2.87 -1.76 -17.02
CA TYR A 37 3.66 -2.87 -16.50
C TYR A 37 3.05 -3.40 -15.21
N THR A 38 2.91 -4.73 -15.12
CA THR A 38 2.43 -5.37 -13.89
C THR A 38 3.34 -6.54 -13.53
N ARG A 39 3.30 -6.89 -12.24
CA ARG A 39 4.05 -8.03 -11.70
C ARG A 39 3.10 -8.85 -10.85
N THR A 40 3.03 -10.15 -11.14
CA THR A 40 2.10 -11.04 -10.44
C THR A 40 0.71 -10.41 -10.37
N GLY A 41 0.29 -9.83 -11.49
CA GLY A 41 -1.07 -9.33 -11.63
C GLY A 41 -1.39 -8.01 -10.97
N SER A 42 -0.40 -7.25 -10.53
CA SER A 42 -0.63 -5.93 -9.97
C SER A 42 0.36 -4.94 -10.57
N ALA A 43 -0.10 -3.73 -10.85
CA ALA A 43 0.85 -2.66 -11.12
C ALA A 43 1.68 -2.47 -9.85
N PRO A 44 3.02 -2.48 -9.94
CA PRO A 44 3.83 -2.63 -8.72
C PRO A 44 3.56 -1.50 -7.73
N HIS A 45 3.22 -1.90 -6.51
CA HIS A 45 2.96 -1.03 -5.36
C HIS A 45 1.69 -0.21 -5.48
N LEU A 46 0.88 -0.38 -6.53
CA LEU A 46 -0.26 0.49 -6.76
C LEU A 46 -1.55 -0.30 -6.76
N THR A 47 -2.60 0.30 -6.20
CA THR A 47 -3.91 -0.32 -6.16
C THR A 47 -4.72 0.10 -7.37
N HIS A 48 -5.79 -0.66 -7.63
CA HIS A 48 -6.73 -0.30 -8.68
C HIS A 48 -7.12 1.17 -8.56
N GLN A 49 -7.41 1.63 -7.35
CA GLN A 49 -7.92 2.96 -7.15
C GLN A 49 -6.88 4.03 -7.47
N THR A 50 -5.63 3.82 -7.04
N THR A 50 -5.65 3.82 -7.02
CA THR A 50 -4.58 4.80 -7.33
CA THR A 50 -4.57 4.77 -7.32
C THR A 50 -4.23 4.82 -8.81
C THR A 50 -4.29 4.81 -8.82
N LEU A 51 -4.24 3.65 -9.47
CA LEU A 51 -3.95 3.60 -10.89
C LEU A 51 -4.96 4.42 -11.69
N ARG A 52 -6.24 4.38 -11.27
CA ARG A 52 -7.29 5.09 -11.98
C ARG A 52 -6.99 6.58 -12.13
N ASN A 53 -6.36 7.19 -11.12
CA ASN A 53 -6.14 8.63 -11.13
C ASN A 53 -4.83 9.05 -11.79
N ILE A 54 -3.91 8.12 -12.06
CA ILE A 54 -2.73 8.48 -12.81
C ILE A 54 -3.14 8.93 -14.20
N HIS A 55 -2.59 10.04 -14.64
CA HIS A 55 -2.95 10.60 -15.93
C HIS A 55 -2.18 9.91 -17.05
N GLY A 56 -2.87 9.68 -18.16
CA GLY A 56 -2.24 9.05 -19.31
C GLY A 56 -2.02 7.55 -19.20
N VAL A 57 -2.76 6.88 -18.32
CA VAL A 57 -2.57 5.43 -18.17
C VAL A 57 -2.88 4.73 -19.49
N PRO A 58 -2.04 3.82 -19.96
CA PRO A 58 -2.32 3.10 -21.21
C PRO A 58 -3.66 2.36 -21.18
N GLY A 59 -4.22 2.14 -22.37
CA GLY A 59 -5.43 1.38 -22.49
C GLY A 59 -5.28 -0.12 -22.40
N ILE A 60 -4.06 -0.64 -22.27
CA ILE A 60 -3.84 -2.06 -22.14
C ILE A 60 -2.72 -2.29 -21.12
N ALA A 61 -2.86 -3.35 -20.33
CA ALA A 61 -1.86 -3.71 -19.34
C ALA A 61 -1.15 -4.99 -19.75
N GLN A 62 0.12 -5.06 -19.41
CA GLN A 62 0.93 -6.24 -19.65
C GLN A 62 0.93 -7.16 -18.44
N LEU A 63 0.60 -8.43 -18.67
CA LEU A 63 0.79 -9.50 -17.71
C LEU A 63 1.98 -10.35 -18.16
N THR A 64 2.63 -11.01 -17.20
CA THR A 64 3.77 -11.85 -17.52
C THR A 64 3.43 -13.30 -17.19
N LEU A 65 3.58 -14.17 -18.18
CA LEU A 65 3.30 -15.59 -17.96
C LEU A 65 4.23 -16.15 -16.89
N SER A 66 5.45 -15.64 -16.80
CA SER A 66 6.39 -16.16 -15.81
C SER A 66 5.89 -15.94 -14.39
N SER A 67 5.15 -14.85 -14.14
CA SER A 67 4.64 -14.64 -12.80
C SER A 67 3.27 -15.26 -12.57
N LEU A 68 2.58 -15.69 -13.63
CA LEU A 68 1.23 -16.24 -13.49
C LEU A 68 1.13 -17.72 -13.74
N ALA A 69 2.08 -18.34 -14.44
CA ALA A 69 1.91 -19.73 -14.84
C ALA A 69 1.80 -20.66 -13.63
N GLU A 70 2.48 -20.34 -12.54
CA GLU A 70 2.42 -21.22 -11.37
C GLU A 70 1.07 -21.15 -10.64
N HIS A 71 0.19 -20.23 -11.02
CA HIS A 71 -1.15 -20.13 -10.46
C HIS A 71 -2.21 -20.74 -11.37
N HIS A 72 -1.83 -21.63 -12.29
N HIS A 72 -1.81 -21.60 -12.31
CA HIS A 72 -2.77 -22.08 -13.31
CA HIS A 72 -2.75 -22.12 -13.30
C HIS A 72 -3.91 -22.92 -12.71
C HIS A 72 -3.91 -22.86 -12.66
N GLU A 73 -3.62 -23.71 -11.66
CA GLU A 73 -4.67 -24.56 -11.08
C GLU A 73 -5.82 -23.72 -10.53
N VAL A 74 -5.51 -22.68 -9.76
CA VAL A 74 -6.54 -21.82 -9.19
C VAL A 74 -7.28 -21.05 -10.28
N LEU A 75 -6.55 -20.51 -11.26
CA LEU A 75 -7.20 -19.78 -12.33
C LEU A 75 -8.11 -20.68 -13.15
N ALA A 76 -7.70 -21.93 -13.37
CA ALA A 76 -8.55 -22.87 -14.10
C ALA A 76 -9.85 -23.13 -13.35
N GLU A 77 -9.79 -23.24 -12.02
CA GLU A 77 -11.00 -23.42 -11.22
C GLU A 77 -11.87 -22.17 -11.26
N TYR A 78 -11.25 -20.99 -11.31
CA TYR A 78 -11.99 -19.73 -11.32
C TYR A 78 -12.79 -19.56 -12.61
N LYS A 79 -12.26 -20.05 -13.73
CA LYS A 79 -12.93 -20.15 -15.03
C LYS A 79 -13.10 -18.82 -15.77
N LYS A 80 -13.16 -17.70 -15.07
CA LYS A 80 -13.56 -16.45 -15.71
C LYS A 80 -12.37 -15.59 -16.17
N GLY A 81 -11.15 -16.08 -16.04
CA GLY A 81 -10.01 -15.38 -16.60
C GLY A 81 -9.27 -14.57 -15.56
N VAL A 82 -8.02 -14.21 -15.92
CA VAL A 82 -7.12 -13.60 -14.95
C VAL A 82 -7.51 -12.16 -14.66
N GLY A 83 -7.97 -11.42 -15.68
CA GLY A 83 -8.40 -10.05 -15.44
C GLY A 83 -9.46 -9.98 -14.37
N SER A 84 -10.48 -10.84 -14.48
CA SER A 84 -11.52 -10.92 -13.45
C SER A 84 -10.95 -11.39 -12.12
N PHE A 85 -10.05 -12.37 -12.16
CA PHE A 85 -9.50 -12.93 -10.92
C PHE A 85 -8.78 -11.87 -10.09
N ILE A 86 -8.08 -10.95 -10.74
CA ILE A 86 -7.27 -9.96 -10.03
C ILE A 86 -8.06 -8.68 -9.79
N GLY A 87 -9.36 -8.72 -10.07
CA GLY A 87 -10.23 -7.61 -9.75
C GLY A 87 -10.32 -6.54 -10.81
N MET A 88 -9.88 -6.81 -12.03
CA MET A 88 -9.93 -5.83 -13.13
C MET A 88 -10.67 -6.43 -14.31
N PRO A 89 -11.94 -6.81 -14.14
CA PRO A 89 -12.62 -7.60 -15.18
C PRO A 89 -12.87 -6.84 -16.47
N GLU A 90 -12.81 -5.51 -16.45
CA GLU A 90 -13.09 -4.73 -17.64
C GLU A 90 -11.84 -4.17 -18.30
N SER A 91 -10.65 -4.45 -17.75
CA SER A 91 -9.40 -3.99 -18.32
C SER A 91 -8.91 -4.93 -19.43
N LEU A 92 -8.12 -4.38 -20.34
CA LEU A 92 -7.52 -5.13 -21.44
C LEU A 92 -6.14 -5.61 -21.02
N PHE A 93 -5.82 -6.86 -21.35
CA PHE A 93 -4.54 -7.45 -20.94
C PHE A 93 -3.82 -8.11 -22.10
N TYR A 94 -2.54 -7.81 -22.23
CA TYR A 94 -1.61 -8.52 -23.11
C TYR A 94 -0.71 -9.38 -22.24
N CYS A 95 -0.63 -10.67 -22.53
CA CYS A 95 0.19 -11.57 -21.73
C CYS A 95 1.47 -11.89 -22.49
N SER A 96 2.59 -11.39 -21.99
CA SER A 96 3.88 -11.74 -22.58
C SER A 96 4.38 -13.05 -21.96
N LEU A 97 5.38 -13.63 -22.62
CA LEU A 97 5.96 -14.87 -22.11
C LEU A 97 6.85 -14.60 -20.91
N HIS A 98 7.76 -13.64 -21.03
CA HIS A 98 8.77 -13.38 -20.00
C HIS A 98 8.54 -12.04 -19.34
N ASP A 99 9.10 -11.92 -18.13
CA ASP A 99 9.19 -10.61 -17.51
C ASP A 99 10.51 -9.95 -17.91
N PRO A 100 10.47 -8.69 -18.34
CA PRO A 100 11.70 -8.04 -18.79
C PRO A 100 12.66 -7.69 -17.66
N VAL A 101 12.19 -7.63 -16.42
CA VAL A 101 13.07 -7.28 -15.29
C VAL A 101 13.70 -8.50 -14.67
N THR A 102 12.96 -9.60 -14.58
CA THR A 102 13.41 -10.82 -13.91
C THR A 102 13.19 -11.98 -14.87
N PRO A 103 14.05 -12.11 -15.89
CA PRO A 103 13.80 -13.08 -16.97
C PRO A 103 14.13 -14.52 -16.63
N GLY A 104 14.78 -14.80 -15.51
CA GLY A 104 15.07 -16.17 -15.14
C GLY A 104 16.21 -16.77 -15.96
N PRO A 105 16.58 -18.00 -15.63
CA PRO A 105 17.78 -18.59 -16.24
C PRO A 105 17.56 -18.97 -17.69
N ALA A 106 18.64 -18.86 -18.47
CA ALA A 106 18.62 -19.22 -19.87
C ALA A 106 19.03 -20.69 -20.06
N GLY A 107 18.74 -21.21 -21.24
CA GLY A 107 19.19 -22.54 -21.64
C GLY A 107 18.20 -23.66 -21.52
N TYR A 108 16.91 -23.37 -21.31
CA TYR A 108 15.91 -24.41 -21.12
C TYR A 108 14.94 -24.53 -22.29
N VAL A 109 15.21 -23.85 -23.40
CA VAL A 109 14.34 -23.92 -24.57
C VAL A 109 14.72 -25.12 -25.40
N THR A 110 13.71 -25.92 -25.77
CA THR A 110 13.87 -27.01 -26.72
C THR A 110 12.82 -26.85 -27.82
N SER A 111 12.84 -27.76 -28.79
CA SER A 111 11.79 -27.79 -29.80
C SER A 111 10.45 -28.24 -29.23
N LYS A 112 10.43 -28.70 -27.98
CA LYS A 112 9.21 -29.20 -27.36
C LYS A 112 8.65 -28.30 -26.28
N SER A 113 9.46 -27.50 -25.61
CA SER A 113 8.95 -26.74 -24.48
C SER A 113 9.78 -25.50 -24.21
N VAL A 114 9.20 -24.60 -23.42
CA VAL A 114 9.84 -23.41 -22.89
C VAL A 114 9.51 -23.36 -21.41
N SER A 115 10.46 -22.93 -20.58
CA SER A 115 10.23 -22.89 -19.14
C SER A 115 10.26 -21.45 -18.63
N VAL A 116 9.46 -21.20 -17.58
CA VAL A 116 9.41 -19.91 -16.93
C VAL A 116 9.46 -20.10 -15.42
N TRP A 117 9.90 -19.07 -14.73
CA TRP A 117 9.96 -19.09 -13.27
C TRP A 117 9.26 -17.86 -12.73
N GLY A 118 8.36 -18.07 -11.76
CA GLY A 118 7.85 -16.98 -10.95
C GLY A 118 8.46 -16.99 -9.56
N PHE A 119 7.62 -17.05 -8.54
CA PHE A 119 8.13 -17.04 -7.17
C PHE A 119 8.82 -18.34 -6.80
N GLY A 120 8.34 -19.46 -7.32
CA GLY A 120 8.71 -20.76 -6.80
C GLY A 120 9.54 -21.62 -7.74
N GLY A 121 8.88 -22.61 -8.35
CA GLY A 121 9.61 -23.58 -9.15
C GLY A 121 9.37 -23.45 -10.64
N ARG A 122 10.27 -24.07 -11.40
CA ARG A 122 10.18 -24.10 -12.86
C ARG A 122 8.81 -24.58 -13.32
N VAL A 123 8.22 -23.85 -14.27
CA VAL A 123 7.02 -24.30 -14.97
C VAL A 123 7.44 -24.55 -16.42
N GLU A 124 7.49 -25.83 -16.81
CA GLU A 124 7.86 -26.22 -18.17
C GLU A 124 6.61 -26.34 -19.02
N MET A 125 6.61 -25.68 -20.17
CA MET A 125 5.41 -25.55 -21.00
C MET A 125 5.67 -26.10 -22.39
N THR A 126 5.05 -27.24 -22.70
CA THR A 126 4.84 -27.65 -24.07
C THR A 126 3.80 -26.73 -24.71
N VAL A 127 3.56 -26.93 -26.02
CA VAL A 127 2.52 -26.16 -26.69
C VAL A 127 1.17 -26.42 -26.04
N SER A 128 0.83 -27.68 -25.81
CA SER A 128 -0.47 -27.98 -25.22
C SER A 128 -0.58 -27.41 -23.81
N LYS A 129 0.49 -27.50 -23.02
CA LYS A 129 0.45 -26.93 -21.68
C LYS A 129 0.35 -25.40 -21.72
N PHE A 130 1.13 -24.77 -22.60
CA PHE A 130 1.05 -23.32 -22.76
C PHE A 130 -0.37 -22.89 -23.12
N MET A 131 -1.00 -23.59 -24.06
CA MET A 131 -2.34 -23.19 -24.48
C MET A 131 -3.37 -23.47 -23.39
N ALA A 132 -3.19 -24.57 -22.63
CA ALA A 132 -4.07 -24.82 -21.50
C ALA A 132 -4.00 -23.69 -20.49
N ILE A 133 -2.79 -23.19 -20.22
CA ILE A 133 -2.63 -22.06 -19.32
C ILE A 133 -3.31 -20.81 -19.88
N GLN A 134 -3.17 -20.57 -21.19
CA GLN A 134 -3.83 -19.41 -21.77
C GLN A 134 -5.35 -19.55 -21.72
N GLU A 135 -5.86 -20.77 -21.75
CA GLU A 135 -7.29 -20.97 -21.59
C GLU A 135 -7.75 -20.58 -20.20
N ALA A 136 -6.90 -20.75 -19.20
CA ALA A 136 -7.22 -20.29 -17.85
C ALA A 136 -7.08 -18.79 -17.73
N LEU A 137 -6.04 -18.22 -18.36
CA LEU A 137 -5.81 -16.77 -18.25
C LEU A 137 -6.84 -15.98 -19.05
N GLN A 138 -7.17 -16.44 -20.26
CA GLN A 138 -8.01 -15.70 -21.19
C GLN A 138 -7.61 -14.23 -21.34
N PRO A 139 -6.35 -13.96 -21.71
CA PRO A 139 -5.97 -12.57 -21.98
C PRO A 139 -6.56 -12.10 -23.30
N ASP A 140 -6.61 -10.77 -23.45
CA ASP A 140 -7.09 -10.21 -24.71
C ASP A 140 -6.10 -10.46 -25.85
N TRP A 141 -4.81 -10.29 -25.58
CA TRP A 141 -3.72 -10.60 -26.49
C TRP A 141 -2.74 -11.52 -25.76
N PHE A 142 -2.05 -12.40 -26.50
CA PHE A 142 -0.96 -13.10 -25.84
C PHE A 142 0.16 -13.37 -26.82
N GLN A 143 1.39 -13.18 -26.34
CA GLN A 143 2.57 -13.59 -27.08
C GLN A 143 2.57 -15.11 -27.26
N CYS A 144 2.78 -15.56 -28.49
CA CYS A 144 2.88 -16.98 -28.74
C CYS A 144 4.13 -17.56 -28.09
N LEU A 145 4.05 -18.82 -27.70
CA LEU A 145 5.23 -19.55 -27.23
C LEU A 145 6.33 -19.42 -28.27
N SER A 146 7.56 -19.10 -27.82
CA SER A 146 8.59 -18.72 -28.77
C SER A 146 9.97 -18.97 -28.16
N ASP A 147 10.95 -19.10 -29.05
CA ASP A 147 12.36 -19.29 -28.66
C ASP A 147 13.07 -17.95 -28.84
N GLY A 148 13.30 -17.24 -27.73
CA GLY A 148 13.98 -15.97 -27.82
C GLY A 148 15.40 -16.00 -27.28
N GLU A 149 16.01 -17.18 -27.20
CA GLU A 149 17.31 -17.31 -26.55
C GLU A 149 18.46 -17.46 -27.53
N ALA A 150 18.24 -17.19 -28.82
CA ALA A 150 19.30 -17.32 -29.81
C ALA A 150 20.53 -16.52 -29.39
N SER A 151 20.36 -15.22 -29.15
CA SER A 151 21.43 -14.39 -28.61
C SER A 151 21.15 -14.17 -27.12
N CYS A 152 21.54 -15.15 -26.33
CA CYS A 152 21.34 -15.10 -24.88
C CYS A 152 22.55 -15.64 -24.13
N SER A 157 26.35 -17.59 -33.94
CA SER A 157 26.13 -18.92 -34.49
C SER A 157 24.83 -18.99 -35.29
N ILE A 158 24.96 -19.15 -36.61
CA ILE A 158 23.77 -19.24 -37.46
C ILE A 158 22.95 -20.47 -37.10
N LYS A 159 23.59 -21.51 -36.58
CA LYS A 159 22.85 -22.71 -36.17
C LYS A 159 21.84 -22.38 -35.08
N ARG A 160 22.27 -21.72 -34.02
CA ARG A 160 21.36 -21.37 -32.93
C ARG A 160 20.28 -20.41 -33.40
N ALA A 161 20.63 -19.48 -34.30
CA ALA A 161 19.65 -18.50 -34.76
C ALA A 161 18.62 -19.14 -35.69
N ARG A 162 19.06 -20.05 -36.56
CA ARG A 162 18.14 -20.73 -37.45
C ARG A 162 17.13 -21.58 -36.68
N LYS A 163 17.58 -22.18 -35.57
CA LYS A 163 16.67 -22.98 -34.77
C LYS A 163 15.60 -22.13 -34.09
N SER A 164 15.97 -20.92 -33.64
CA SER A 164 14.99 -20.07 -32.97
C SER A 164 13.85 -19.70 -33.91
N VAL A 165 14.15 -19.51 -35.20
CA VAL A 165 13.10 -19.21 -36.17
C VAL A 165 12.20 -20.42 -36.38
N ASP A 166 12.81 -21.61 -36.57
CA ASP A 166 12.02 -22.79 -36.89
C ASP A 166 11.21 -23.28 -35.70
N ARG A 167 11.83 -23.28 -34.51
CA ARG A 167 11.07 -23.61 -33.30
C ARG A 167 9.87 -22.68 -33.13
N SER A 168 10.06 -21.39 -33.39
CA SER A 168 9.00 -20.42 -33.13
C SER A 168 7.89 -20.51 -34.16
N LEU A 169 8.22 -20.86 -35.40
CA LEU A 169 7.17 -21.07 -36.41
C LEU A 169 6.39 -22.34 -36.12
N LEU A 170 7.07 -23.40 -35.65
CA LEU A 170 6.36 -24.62 -35.28
C LEU A 170 5.44 -24.36 -34.10
N PHE A 171 5.95 -23.65 -33.08
CA PHE A 171 5.11 -23.24 -31.95
C PHE A 171 3.90 -22.43 -32.44
N LEU A 172 4.14 -21.49 -33.35
CA LEU A 172 3.06 -20.63 -33.82
C LEU A 172 1.98 -21.42 -34.52
N ASP A 173 2.37 -22.30 -35.46
CA ASP A 173 1.40 -23.11 -36.18
C ASP A 173 0.63 -24.02 -35.23
N SER A 174 1.33 -24.63 -34.26
CA SER A 174 0.67 -25.52 -33.32
C SER A 174 -0.32 -24.76 -32.43
N CYS A 175 0.05 -23.55 -31.99
CA CYS A 175 -0.84 -22.80 -31.12
C CYS A 175 -2.05 -22.28 -31.87
N LEU A 176 -1.88 -21.88 -33.13
CA LEU A 176 -3.02 -21.47 -33.94
C LEU A 176 -4.01 -22.62 -34.12
N ARG A 177 -3.49 -23.83 -34.34
CA ARG A 177 -4.36 -25.00 -34.46
C ARG A 177 -5.18 -25.22 -33.20
N LEU A 178 -4.54 -25.18 -32.03
CA LEU A 178 -5.26 -25.39 -30.79
C LEU A 178 -6.25 -24.27 -30.51
N GLN A 179 -5.93 -23.03 -30.90
CA GLN A 179 -6.87 -21.94 -30.70
C GLN A 179 -8.15 -22.15 -31.50
N GLU A 180 -8.05 -22.77 -32.68
CA GLU A 180 -9.24 -23.05 -33.47
C GLU A 180 -10.24 -23.93 -32.72
N GLU A 181 -9.74 -24.80 -31.85
CA GLU A 181 -10.58 -25.74 -31.12
C GLU A 181 -10.97 -25.24 -29.73
N SER A 182 -10.58 -24.03 -29.36
CA SER A 182 -10.81 -23.52 -28.02
C SER A 182 -11.93 -22.50 -28.04
N GLU A 183 -13.01 -22.80 -27.32
CA GLU A 183 -14.12 -21.84 -27.24
C GLU A 183 -13.68 -20.56 -26.53
N VAL A 184 -13.02 -20.69 -25.38
CA VAL A 184 -12.72 -19.51 -24.57
C VAL A 184 -11.70 -18.60 -25.27
N LEU A 185 -10.80 -19.15 -26.07
CA LEU A 185 -9.76 -18.35 -26.71
C LEU A 185 -10.20 -17.79 -28.06
N GLN A 186 -11.46 -17.96 -28.44
CA GLN A 186 -11.93 -17.41 -29.71
C GLN A 186 -11.89 -15.88 -29.70
N LYS A 187 -11.97 -15.26 -28.52
CA LYS A 187 -11.93 -13.82 -28.39
C LYS A 187 -10.55 -13.30 -28.00
N SER A 188 -9.52 -14.14 -28.07
CA SER A 188 -8.16 -13.74 -27.77
C SER A 188 -7.35 -13.67 -29.05
N VAL A 189 -6.31 -12.84 -29.03
CA VAL A 189 -5.51 -12.53 -30.21
C VAL A 189 -4.09 -13.01 -29.97
N ILE A 190 -3.60 -13.90 -30.84
CA ILE A 190 -2.21 -14.34 -30.78
C ILE A 190 -1.31 -13.29 -31.40
N ILE A 191 -0.16 -13.06 -30.78
CA ILE A 191 0.86 -12.14 -31.27
C ILE A 191 2.03 -13.00 -31.76
N GLY A 192 2.33 -12.90 -33.06
CA GLY A 192 3.48 -13.62 -33.59
C GLY A 192 4.79 -13.01 -33.14
N VAL A 193 5.83 -13.84 -33.06
CA VAL A 193 7.08 -13.45 -32.41
C VAL A 193 8.21 -13.57 -33.43
N ILE A 194 8.83 -12.43 -33.75
CA ILE A 194 9.95 -12.41 -34.69
C ILE A 194 11.22 -12.77 -33.94
N GLU A 195 11.90 -13.82 -34.41
CA GLU A 195 13.15 -14.24 -33.80
C GLU A 195 14.25 -14.16 -34.84
N GLY A 196 15.32 -14.96 -34.67
CA GLY A 196 16.43 -14.93 -35.59
C GLY A 196 17.73 -14.43 -35.01
N GLY A 197 17.72 -13.95 -33.77
CA GLY A 197 18.95 -13.50 -33.14
C GLY A 197 19.60 -12.36 -33.90
N ASP A 198 20.92 -12.38 -33.94
CA ASP A 198 21.68 -11.33 -34.60
C ASP A 198 22.08 -11.71 -36.03
N VAL A 199 21.43 -12.71 -36.61
CA VAL A 199 21.69 -13.15 -37.98
C VAL A 199 20.65 -12.51 -38.89
N MET A 200 21.11 -11.67 -39.82
N MET A 200 21.12 -11.68 -39.82
CA MET A 200 20.18 -10.92 -40.66
CA MET A 200 20.21 -10.91 -40.68
C MET A 200 19.31 -11.85 -41.51
C MET A 200 19.33 -11.83 -41.53
N GLU A 201 19.91 -12.90 -42.07
CA GLU A 201 19.14 -13.80 -42.93
C GLU A 201 17.98 -14.45 -42.17
N GLU A 202 18.21 -14.83 -40.91
CA GLU A 202 17.15 -15.47 -40.13
C GLU A 202 16.09 -14.48 -39.69
N ARG A 203 16.51 -13.26 -39.33
CA ARG A 203 15.54 -12.24 -38.94
C ARG A 203 14.53 -11.98 -40.05
N LEU A 204 15.01 -11.84 -41.28
CA LEU A 204 14.12 -11.58 -42.41
C LEU A 204 13.20 -12.78 -42.67
N ARG A 205 13.74 -14.00 -42.57
CA ARG A 205 12.91 -15.18 -42.75
C ARG A 205 11.85 -15.27 -41.67
N SER A 206 12.24 -15.02 -40.42
CA SER A 206 11.26 -15.01 -39.33
C SER A 206 10.18 -13.97 -39.58
N ALA A 207 10.58 -12.77 -40.04
CA ALA A 207 9.62 -11.71 -40.27
C ALA A 207 8.66 -12.06 -41.40
N ARG A 208 9.20 -12.53 -42.53
CA ARG A 208 8.34 -12.83 -43.68
C ARG A 208 7.46 -14.03 -43.41
N GLU A 209 7.98 -15.07 -42.76
CA GLU A 209 7.19 -16.27 -42.53
C GLU A 209 6.14 -16.05 -41.45
N THR A 210 6.47 -15.31 -40.40
CA THR A 210 5.46 -15.04 -39.37
C THR A 210 4.32 -14.19 -39.94
N ALA A 211 4.65 -13.24 -40.82
CA ALA A 211 3.63 -12.42 -41.45
C ALA A 211 2.66 -13.24 -42.31
N LYS A 212 3.07 -14.44 -42.71
CA LYS A 212 2.15 -15.29 -43.48
C LYS A 212 1.01 -15.83 -42.63
N ARG A 213 1.20 -15.88 -41.30
CA ARG A 213 0.19 -16.43 -40.40
C ARG A 213 -0.82 -15.35 -39.99
N PRO A 214 -2.05 -15.74 -39.66
CA PRO A 214 -3.10 -14.77 -39.29
C PRO A 214 -3.00 -14.30 -37.84
N VAL A 215 -1.86 -13.72 -37.50
CA VAL A 215 -1.67 -13.19 -36.15
C VAL A 215 -2.26 -11.77 -36.06
N GLY A 216 -2.54 -11.33 -34.84
CA GLY A 216 -3.07 -10.00 -34.66
C GLY A 216 -2.02 -8.91 -34.60
N GLY A 217 -0.75 -9.28 -34.50
CA GLY A 217 0.34 -8.33 -34.37
C GLY A 217 1.63 -9.08 -34.22
N PHE A 218 2.71 -8.34 -34.06
CA PHE A 218 4.05 -8.92 -34.01
C PHE A 218 4.82 -8.42 -32.81
N LEU A 219 5.52 -9.32 -32.14
CA LEU A 219 6.47 -8.97 -31.09
C LEU A 219 7.90 -9.09 -31.61
N LEU A 220 8.66 -8.02 -31.48
CA LEU A 220 10.07 -8.00 -31.85
C LEU A 220 10.88 -8.46 -30.65
N ASP A 221 11.34 -9.71 -30.68
CA ASP A 221 12.00 -10.35 -29.55
C ASP A 221 13.50 -10.40 -29.78
N GLY A 222 14.28 -10.21 -28.72
CA GLY A 222 15.71 -10.37 -28.79
C GLY A 222 16.53 -9.11 -29.02
N PHE A 223 15.90 -7.93 -28.99
CA PHE A 223 16.62 -6.68 -29.21
C PHE A 223 17.04 -6.00 -27.93
N GLN A 224 16.76 -6.59 -26.77
CA GLN A 224 17.13 -5.99 -25.49
C GLN A 224 18.62 -5.70 -25.44
N GLY A 225 18.97 -4.52 -24.93
CA GLY A 225 20.36 -4.13 -24.79
C GLY A 225 20.96 -4.52 -23.45
N VAL A 229 20.31 -0.89 -26.68
CA VAL A 229 20.08 -1.43 -28.02
C VAL A 229 21.19 -0.98 -28.96
N THR A 230 21.98 -1.93 -29.43
CA THR A 230 23.13 -1.61 -30.28
C THR A 230 22.68 -1.03 -31.61
N GLU A 231 23.61 -0.32 -32.27
CA GLU A 231 23.33 0.17 -33.61
C GLU A 231 23.17 -0.98 -34.60
N THR A 232 23.86 -2.09 -34.37
CA THR A 232 23.67 -3.27 -35.22
C THR A 232 22.25 -3.82 -35.08
N ARG A 233 21.75 -3.90 -33.85
CA ARG A 233 20.40 -4.42 -33.66
C ARG A 233 19.34 -3.44 -34.15
N LEU A 234 19.60 -2.14 -34.06
CA LEU A 234 18.68 -1.16 -34.64
C LEU A 234 18.54 -1.35 -36.14
N HIS A 235 19.61 -1.74 -36.83
CA HIS A 235 19.50 -1.98 -38.27
C HIS A 235 18.80 -3.30 -38.55
N LEU A 236 19.04 -4.32 -37.72
CA LEU A 236 18.21 -5.52 -37.79
C LEU A 236 16.74 -5.17 -37.60
N LEU A 237 16.46 -4.27 -36.65
CA LEU A 237 15.07 -3.91 -36.34
C LEU A 237 14.39 -3.25 -37.53
N SER A 238 15.01 -2.24 -38.13
CA SER A 238 14.39 -1.58 -39.27
C SER A 238 14.29 -2.53 -40.47
N SER A 239 15.26 -3.43 -40.61
CA SER A 239 15.18 -4.44 -41.66
C SER A 239 13.97 -5.33 -41.46
N VAL A 240 13.65 -5.66 -40.20
CA VAL A 240 12.54 -6.55 -39.92
C VAL A 240 11.21 -5.85 -40.15
N THR A 241 11.05 -4.63 -39.62
CA THR A 241 9.77 -3.95 -39.73
C THR A 241 9.41 -3.61 -41.17
N ALA A 242 10.41 -3.49 -42.05
CA ALA A 242 10.12 -3.27 -43.46
C ALA A 242 9.37 -4.44 -44.09
N GLU A 243 9.51 -5.64 -43.52
CA GLU A 243 8.86 -6.83 -44.06
C GLU A 243 7.48 -7.07 -43.47
N LEU A 244 7.09 -6.32 -42.44
CA LEU A 244 5.81 -6.54 -41.77
C LEU A 244 4.73 -5.65 -42.35
N PRO A 245 3.49 -6.15 -42.39
CA PRO A 245 2.38 -5.33 -42.90
C PRO A 245 2.18 -4.08 -42.05
N GLU A 246 1.69 -3.02 -42.70
CA GLU A 246 1.50 -1.74 -42.02
C GLU A 246 0.30 -1.73 -41.07
N ASP A 247 -0.70 -2.58 -41.31
CA ASP A 247 -1.98 -2.49 -40.62
C ASP A 247 -2.08 -3.38 -39.39
N LYS A 248 -0.95 -3.90 -38.89
CA LYS A 248 -0.94 -4.65 -37.65
C LYS A 248 0.08 -4.03 -36.69
N PRO A 249 -0.20 -4.03 -35.39
CA PRO A 249 0.70 -3.36 -34.45
C PRO A 249 2.01 -4.11 -34.25
N ARG A 250 3.08 -3.34 -33.98
CA ARG A 250 4.40 -3.88 -33.71
C ARG A 250 4.76 -3.62 -32.25
N LEU A 251 4.93 -4.69 -31.48
CA LEU A 251 5.34 -4.63 -30.09
C LEU A 251 6.82 -4.99 -29.97
N ILE A 252 7.46 -4.47 -28.92
CA ILE A 252 8.86 -4.83 -28.65
C ILE A 252 9.00 -5.05 -27.15
N CYS A 253 9.82 -6.02 -26.76
CA CYS A 253 10.03 -6.31 -25.36
C CYS A 253 11.44 -5.92 -24.95
N GLY A 254 11.58 -5.57 -23.67
CA GLY A 254 12.87 -5.24 -23.10
C GLY A 254 13.44 -3.91 -23.52
N VAL A 255 12.63 -3.03 -24.10
CA VAL A 255 13.08 -1.72 -24.57
C VAL A 255 12.14 -0.69 -23.98
N SER A 256 12.61 0.07 -23.00
CA SER A 256 11.75 0.98 -22.25
C SER A 256 12.41 2.31 -21.90
N ARG A 257 13.73 2.42 -21.88
CA ARG A 257 14.36 3.69 -21.58
C ARG A 257 14.01 4.70 -22.66
N PRO A 258 13.77 5.98 -22.32
CA PRO A 258 13.21 6.92 -23.31
C PRO A 258 14.04 7.08 -24.58
N ASP A 259 15.37 7.12 -24.49
CA ASP A 259 16.16 7.27 -25.70
C ASP A 259 16.00 6.06 -26.62
N GLU A 260 16.01 4.85 -26.04
CA GLU A 260 15.84 3.64 -26.85
C GLU A 260 14.46 3.59 -27.46
N VAL A 261 13.44 4.00 -26.70
CA VAL A 261 12.08 4.04 -27.23
C VAL A 261 12.03 4.88 -28.50
N LEU A 262 12.62 6.09 -28.45
CA LEU A 262 12.57 6.98 -29.62
C LEU A 262 13.28 6.36 -30.82
N GLU A 263 14.41 5.67 -30.60
CA GLU A 263 15.10 5.04 -31.71
C GLU A 263 14.24 3.98 -32.37
N CYS A 264 13.46 3.24 -31.57
CA CYS A 264 12.63 2.18 -32.13
C CYS A 264 11.39 2.72 -32.81
N ILE A 265 10.81 3.81 -32.28
CA ILE A 265 9.66 4.43 -32.94
C ILE A 265 10.04 4.87 -34.34
N GLU A 266 11.24 5.44 -34.51
CA GLU A 266 11.71 5.85 -35.84
C GLU A 266 11.82 4.70 -36.82
N ARG A 267 11.84 3.47 -36.32
CA ARG A 267 12.03 2.29 -37.14
C ARG A 267 10.76 1.43 -37.18
N GLY A 268 9.61 2.04 -36.90
CA GLY A 268 8.33 1.38 -37.12
C GLY A 268 7.77 0.60 -35.95
N VAL A 269 8.28 0.78 -34.73
CA VAL A 269 7.77 0.03 -33.58
C VAL A 269 6.70 0.87 -32.88
N ASP A 270 5.61 0.22 -32.48
CA ASP A 270 4.42 0.92 -31.97
C ASP A 270 4.27 0.87 -30.46
N LEU A 271 4.52 -0.27 -29.82
CA LEU A 271 4.14 -0.49 -28.43
C LEU A 271 5.31 -0.98 -27.60
N PHE A 272 5.46 -0.41 -26.42
CA PHE A 272 6.61 -0.62 -25.55
C PHE A 272 6.17 -1.03 -24.16
N GLU A 273 7.00 -1.83 -23.51
CA GLU A 273 6.80 -2.15 -22.10
C GLU A 273 7.21 -0.96 -21.24
N SER A 274 6.55 -0.80 -20.09
CA SER A 274 6.82 0.33 -19.22
C SER A 274 7.51 -0.09 -17.92
N PHE A 275 8.46 -1.03 -18.03
CA PHE A 275 9.20 -1.43 -16.84
C PHE A 275 10.26 -0.42 -16.43
N PHE A 276 10.68 0.47 -17.34
CA PHE A 276 11.70 1.46 -16.96
C PHE A 276 11.29 2.29 -15.74
N PRO A 277 10.11 2.93 -15.68
CA PRO A 277 9.76 3.69 -14.47
C PRO A 277 9.72 2.83 -13.23
N TYR A 278 9.40 1.54 -13.36
CA TYR A 278 9.46 0.62 -12.22
C TYR A 278 10.89 0.44 -11.74
N GLN A 279 11.84 0.22 -12.66
CA GLN A 279 13.24 0.09 -12.29
C GLN A 279 13.73 1.31 -11.52
N VAL A 280 13.30 2.50 -11.97
CA VAL A 280 13.68 3.75 -11.32
C VAL A 280 13.14 3.79 -9.90
N THR A 281 11.86 3.44 -9.73
CA THR A 281 11.26 3.36 -8.40
C THR A 281 12.06 2.43 -7.48
N GLU A 282 12.44 1.27 -7.99
CA GLU A 282 13.06 0.27 -7.12
C GLU A 282 14.43 0.70 -6.65
N ARG A 283 15.11 1.61 -7.35
CA ARG A 283 16.36 2.13 -6.81
C ARG A 283 16.17 3.43 -6.05
N GLY A 284 14.93 3.72 -5.64
CA GLY A 284 14.67 4.87 -4.80
C GLY A 284 14.77 6.18 -5.54
N CYS A 285 14.52 6.17 -6.85
CA CYS A 285 14.73 7.36 -7.67
C CYS A 285 13.42 7.85 -8.27
N ALA A 286 13.45 9.12 -8.69
CA ALA A 286 12.31 9.78 -9.32
C ALA A 286 12.72 10.34 -10.67
N LEU A 287 11.90 10.09 -11.68
CA LEU A 287 12.14 10.65 -13.01
C LEU A 287 11.87 12.15 -12.99
N THR A 288 12.82 12.94 -13.49
CA THR A 288 12.67 14.38 -13.52
C THR A 288 12.93 14.98 -14.89
N PHE A 289 13.25 14.15 -15.89
CA PHE A 289 13.62 14.70 -17.19
C PHE A 289 12.47 15.47 -17.81
N THR A 290 12.82 16.58 -18.48
N THR A 290 12.79 16.58 -18.46
CA THR A 290 11.85 17.40 -19.18
CA THR A 290 11.77 17.38 -19.11
C THR A 290 11.47 16.75 -20.50
C THR A 290 11.47 16.82 -20.49
N PHE A 291 10.19 16.81 -20.84
CA PHE A 291 9.75 16.27 -22.12
C PHE A 291 8.79 17.19 -22.85
N ASP A 292 8.63 18.43 -22.39
CA ASP A 292 7.75 19.40 -23.04
C ASP A 292 8.28 20.81 -22.78
N SER A 331 18.15 17.44 -14.33
CA SER A 331 18.62 16.07 -14.28
C SER A 331 17.59 15.10 -14.87
N PHE A 332 18.06 13.91 -15.23
CA PHE A 332 17.17 12.89 -15.79
C PHE A 332 16.38 12.18 -14.71
N GLU A 333 17.04 11.89 -13.60
CA GLU A 333 16.39 11.31 -12.43
C GLU A 333 17.13 11.82 -11.21
N ILE A 334 16.48 11.75 -10.05
CA ILE A 334 17.09 12.13 -8.79
C ILE A 334 16.96 10.96 -7.83
N ASN A 335 17.92 10.85 -6.92
CA ASN A 335 18.00 9.73 -5.98
C ASN A 335 17.54 10.25 -4.62
N LEU A 336 16.34 9.85 -4.19
CA LEU A 336 15.76 10.49 -3.01
C LEU A 336 16.43 10.05 -1.71
N LYS A 337 17.33 9.07 -1.74
CA LYS A 337 18.08 8.78 -0.53
C LYS A 337 19.22 9.76 -0.26
N GLU A 338 19.58 10.61 -1.23
CA GLU A 338 20.65 11.57 -1.00
C GLU A 338 20.29 12.52 0.12
N LYS A 339 21.29 12.86 0.96
CA LYS A 339 21.05 13.70 2.12
C LYS A 339 20.58 15.10 1.74
N LYS A 340 20.89 15.58 0.53
CA LYS A 340 20.43 16.90 0.10
C LYS A 340 18.91 17.00 0.06
N TYR A 341 18.18 15.88 0.13
CA TYR A 341 16.73 15.94 0.10
C TYR A 341 16.11 15.88 1.49
N GLN A 342 16.91 15.79 2.56
CA GLN A 342 16.30 15.56 3.88
C GLN A 342 15.44 16.74 4.31
N GLU A 343 15.77 17.95 3.84
CA GLU A 343 15.11 19.20 4.20
C GLU A 343 14.53 19.90 2.98
N ASP A 344 14.32 19.16 1.89
CA ASP A 344 13.87 19.74 0.63
C ASP A 344 12.35 19.59 0.57
N PHE A 345 11.63 20.69 0.72
CA PHE A 345 10.18 20.62 0.80
C PHE A 345 9.50 20.89 -0.54
N ASP A 346 10.24 20.82 -1.64
CA ASP A 346 9.67 20.83 -2.98
C ASP A 346 9.09 19.45 -3.31
N PRO A 347 8.15 19.37 -4.25
CA PRO A 347 7.74 18.07 -4.79
C PRO A 347 8.85 17.49 -5.64
N LEU A 348 8.68 16.22 -5.99
CA LEU A 348 9.64 15.58 -6.90
C LEU A 348 9.84 16.42 -8.16
N VAL A 349 8.74 16.84 -8.79
CA VAL A 349 8.77 17.63 -10.03
C VAL A 349 7.81 18.80 -9.85
N ARG A 350 8.35 20.01 -9.85
CA ARG A 350 7.50 21.20 -9.79
C ARG A 350 6.57 21.22 -11.01
N GLY A 351 5.28 21.39 -10.76
CA GLY A 351 4.30 21.40 -11.82
C GLY A 351 3.70 20.06 -12.17
N CYS A 352 4.25 18.96 -11.67
CA CYS A 352 3.65 17.65 -11.88
C CYS A 352 2.30 17.57 -11.17
N SER A 353 1.33 16.94 -11.83
N SER A 353 1.32 16.95 -11.83
CA SER A 353 -0.02 16.83 -11.29
CA SER A 353 -0.02 16.85 -11.25
C SER A 353 -0.29 15.51 -10.59
C SER A 353 -0.31 15.48 -10.66
N CYS A 354 0.70 14.64 -10.43
CA CYS A 354 0.44 13.34 -9.82
C CYS A 354 0.15 13.50 -8.32
N TYR A 355 -0.48 12.47 -7.75
CA TYR A 355 -0.87 12.54 -6.35
C TYR A 355 0.34 12.70 -5.44
N CYS A 356 1.49 12.16 -5.82
CA CYS A 356 2.70 12.35 -5.03
C CYS A 356 3.13 13.82 -5.02
N CYS A 357 3.29 14.42 -6.20
CA CYS A 357 3.86 15.77 -6.28
C CYS A 357 2.89 16.84 -5.80
N LYS A 358 1.59 16.63 -5.96
CA LYS A 358 0.65 17.65 -5.52
C LYS A 358 0.48 17.68 -4.01
N ASN A 359 0.86 16.60 -3.31
CA ASN A 359 0.52 16.48 -1.90
C ASN A 359 1.69 16.12 -0.98
N HIS A 360 2.87 15.85 -1.50
CA HIS A 360 3.98 15.35 -0.67
C HIS A 360 5.28 16.00 -1.11
N THR A 361 6.27 15.94 -0.21
CA THR A 361 7.56 16.58 -0.42
C THR A 361 8.67 15.54 -0.63
N ARG A 362 9.77 16.02 -1.25
CA ARG A 362 10.98 15.22 -1.33
C ARG A 362 11.45 14.80 0.07
N ALA A 363 11.35 15.71 1.03
CA ALA A 363 11.79 15.42 2.39
C ALA A 363 11.05 14.23 2.98
N TYR A 364 9.74 14.15 2.74
CA TYR A 364 8.97 13.05 3.28
C TYR A 364 9.35 11.75 2.59
N ILE A 365 9.49 11.78 1.25
CA ILE A 365 9.88 10.58 0.54
C ILE A 365 11.25 10.10 0.97
N HIS A 366 12.19 11.03 1.19
CA HIS A 366 13.51 10.68 1.71
C HIS A 366 13.39 9.91 3.02
N HIS A 367 12.58 10.44 3.95
CA HIS A 367 12.39 9.79 5.24
C HIS A 367 11.77 8.40 5.07
N LEU A 368 10.75 8.29 4.21
CA LEU A 368 10.09 7.00 4.01
C LEU A 368 11.05 5.96 3.46
N LEU A 369 11.96 6.38 2.57
CA LEU A 369 12.96 5.44 2.05
C LEU A 369 13.92 4.99 3.14
N MET A 370 14.37 5.92 3.97
CA MET A 370 15.34 5.58 5.00
C MET A 370 14.75 4.63 6.04
N THR A 371 13.43 4.62 6.22
CA THR A 371 12.79 3.68 7.12
C THR A 371 12.13 2.51 6.40
N ASN A 372 12.36 2.37 5.09
CA ASN A 372 11.93 1.21 4.30
C ASN A 372 10.42 1.03 4.30
N GLU A 373 9.71 2.14 4.18
CA GLU A 373 8.24 2.11 4.20
C GLU A 373 7.68 1.90 2.81
N LEU A 374 6.64 1.07 2.71
CA LEU A 374 6.03 0.82 1.41
C LEU A 374 5.47 2.10 0.80
N LEU A 375 5.09 3.09 1.62
CA LEU A 375 4.57 4.33 1.05
C LEU A 375 5.60 5.00 0.14
N ALA A 376 6.90 4.84 0.40
CA ALA A 376 7.90 5.41 -0.51
C ALA A 376 7.76 4.82 -1.91
N GLY A 377 7.57 3.50 -2.01
CA GLY A 377 7.40 2.88 -3.30
C GLY A 377 6.08 3.27 -3.97
N VAL A 378 5.02 3.42 -3.18
CA VAL A 378 3.74 3.89 -3.71
C VAL A 378 3.90 5.26 -4.35
N LEU A 379 4.44 6.22 -3.59
CA LEU A 379 4.53 7.58 -4.11
C LEU A 379 5.48 7.69 -5.28
N LEU A 380 6.64 7.02 -5.21
CA LEU A 380 7.56 7.05 -6.34
C LEU A 380 6.97 6.37 -7.57
N MET A 381 6.23 5.27 -7.38
CA MET A 381 5.69 4.59 -8.54
C MET A 381 4.60 5.42 -9.20
N MET A 382 3.72 6.05 -8.39
CA MET A 382 2.73 6.97 -8.94
CA MET A 382 2.72 6.94 -8.98
C MET A 382 3.38 8.02 -9.83
N HIS A 383 4.40 8.68 -9.28
CA HIS A 383 5.05 9.74 -10.02
C HIS A 383 5.78 9.20 -11.25
N ASN A 384 6.52 8.10 -11.09
CA ASN A 384 7.31 7.62 -12.20
C ASN A 384 6.45 7.13 -13.36
N PHE A 385 5.31 6.48 -13.06
CA PHE A 385 4.37 6.14 -14.13
C PHE A 385 3.77 7.40 -14.75
N GLU A 386 3.31 8.33 -13.93
CA GLU A 386 2.74 9.57 -14.47
C GLU A 386 3.73 10.29 -15.37
N HIS A 387 5.00 10.35 -14.96
CA HIS A 387 6.01 11.03 -15.76
C HIS A 387 6.25 10.29 -17.07
N TYR A 388 6.40 8.97 -16.99
CA TYR A 388 6.68 8.15 -18.17
C TYR A 388 5.49 8.17 -19.14
N PHE A 389 4.26 8.06 -18.64
CA PHE A 389 3.11 8.16 -19.52
C PHE A 389 2.98 9.55 -20.12
N GLY A 390 3.34 10.59 -19.36
CA GLY A 390 3.34 11.93 -19.93
C GLY A 390 4.35 12.08 -21.05
N PHE A 391 5.53 11.46 -20.89
CA PHE A 391 6.51 11.41 -21.96
C PHE A 391 5.90 10.79 -23.22
N PHE A 392 5.16 9.69 -23.08
CA PHE A 392 4.56 9.09 -24.27
C PHE A 392 3.49 9.99 -24.87
N CYS A 393 2.72 10.69 -24.03
N CYS A 393 2.73 10.68 -24.02
CA CYS A 393 1.79 11.69 -24.56
CA CYS A 393 1.78 11.68 -24.53
C CYS A 393 2.52 12.75 -25.37
C CYS A 393 2.49 12.76 -25.33
N SER A 394 3.69 13.18 -24.88
N SER A 394 3.68 13.16 -24.88
CA SER A 394 4.45 14.20 -25.60
CA SER A 394 4.44 14.19 -25.60
C SER A 394 4.99 13.67 -26.93
C SER A 394 4.98 13.66 -26.93
N ILE A 395 5.33 12.37 -26.99
CA ILE A 395 5.74 11.78 -28.27
C ILE A 395 4.62 11.90 -29.28
N ARG A 396 3.41 11.52 -28.88
CA ARG A 396 2.30 11.57 -29.83
C ARG A 396 1.97 13.01 -30.22
N GLU A 397 2.08 13.95 -29.28
CA GLU A 397 1.87 15.36 -29.62
C GLU A 397 2.96 15.85 -30.58
N ALA A 398 4.21 15.42 -30.35
CA ALA A 398 5.29 15.81 -31.24
C ALA A 398 5.08 15.25 -32.65
N LEU A 399 4.57 14.02 -32.76
CA LEU A 399 4.28 13.49 -34.10
C LEU A 399 3.20 14.31 -34.78
N LYS A 400 2.18 14.73 -34.03
N LYS A 400 2.19 14.75 -34.03
CA LYS A 400 1.15 15.59 -34.62
CA LYS A 400 1.15 15.59 -34.59
C LYS A 400 1.75 16.89 -35.15
C LYS A 400 1.70 16.91 -35.11
N ASN A 401 2.69 17.47 -34.41
CA ASN A 401 3.27 18.77 -34.76
C ASN A 401 4.52 18.65 -35.61
N ASP A 402 4.96 17.44 -35.95
N ASP A 402 4.94 17.43 -35.97
CA ASP A 402 6.17 17.20 -36.73
CA ASP A 402 6.17 17.17 -36.72
C ASP A 402 7.41 17.73 -36.01
C ASP A 402 7.40 17.75 -36.00
N THR A 403 7.45 17.55 -34.68
CA THR A 403 8.58 18.03 -33.88
C THR A 403 9.24 16.88 -33.09
N LEU A 404 9.12 15.64 -33.58
CA LEU A 404 9.72 14.54 -32.82
C LEU A 404 11.23 14.66 -32.76
N ALA A 405 11.86 15.16 -33.84
CA ALA A 405 13.32 15.34 -33.85
C ALA A 405 13.77 16.26 -32.74
N GLN A 406 12.99 17.31 -32.46
CA GLN A 406 13.31 18.24 -31.37
C GLN A 406 13.13 17.57 -30.01
N LEU A 407 12.08 16.77 -29.85
CA LEU A 407 11.90 16.05 -28.59
C LEU A 407 13.03 15.05 -28.39
N LYS A 408 13.46 14.38 -29.46
CA LYS A 408 14.55 13.42 -29.34
C LYS A 408 15.81 14.08 -28.81
N GLU A 409 16.13 15.28 -29.31
N GLU A 409 16.15 15.28 -29.31
CA GLU A 409 17.31 15.96 -28.83
CA GLU A 409 17.34 15.97 -28.81
C GLU A 409 17.14 16.45 -27.40
C GLU A 409 17.15 16.46 -27.38
N LEU A 410 15.92 16.82 -27.02
CA LEU A 410 15.67 17.23 -25.63
C LEU A 410 15.91 16.06 -24.68
N ILE A 411 15.49 14.86 -25.06
CA ILE A 411 15.73 13.68 -24.22
C ILE A 411 17.22 13.36 -24.16
N CYS A 412 17.88 13.30 -25.32
N CYS A 412 17.87 13.28 -25.34
CA CYS A 412 19.29 12.91 -25.36
CA CYS A 412 19.31 12.95 -25.37
C CYS A 412 20.21 13.96 -24.70
C CYS A 412 20.11 13.94 -24.54
N ARG A 413 19.78 15.23 -24.64
CA ARG A 413 20.52 16.25 -23.91
C ARG A 413 20.63 15.92 -22.43
N GLN A 414 19.60 15.29 -21.87
CA GLN A 414 19.53 15.02 -20.44
C GLN A 414 20.15 13.69 -20.06
N MET A 415 20.81 13.01 -20.98
CA MET A 415 21.43 11.71 -20.70
C MET A 415 22.92 11.71 -20.98
N SER B 4 -12.80 27.31 35.17
CA SER B 4 -12.72 26.04 34.46
C SER B 4 -12.44 26.27 32.97
N ALA B 5 -11.46 25.54 32.45
CA ALA B 5 -11.12 25.66 31.04
C ALA B 5 -12.27 25.17 30.16
N PRO B 6 -12.38 25.68 28.94
CA PRO B 6 -13.41 25.17 28.01
C PRO B 6 -13.26 23.67 27.79
N ARG B 7 -14.40 23.01 27.63
CA ARG B 7 -14.43 21.55 27.46
C ARG B 7 -14.31 21.23 25.97
N ILE B 8 -13.49 20.21 25.65
CA ILE B 8 -13.38 19.82 24.24
C ILE B 8 -14.39 18.78 23.82
N MET B 9 -15.08 18.14 24.76
CA MET B 9 -16.02 17.08 24.43
C MET B 9 -17.44 17.49 24.74
N ARG B 10 -18.38 17.03 23.91
CA ARG B 10 -19.77 17.00 24.33
C ARG B 10 -20.31 15.59 24.15
N LEU B 11 -21.29 15.23 24.98
CA LEU B 11 -21.98 13.96 24.84
C LEU B 11 -23.22 14.16 24.00
N VAL B 12 -23.37 13.35 22.95
CA VAL B 12 -24.57 13.41 22.14
C VAL B 12 -25.59 12.34 22.54
N ALA B 13 -25.16 11.26 23.18
CA ALA B 13 -26.10 10.25 23.66
C ALA B 13 -25.41 9.40 24.72
N GLU B 14 -26.21 8.86 25.62
CA GLU B 14 -25.76 7.92 26.63
C GLU B 14 -26.73 6.76 26.65
N CYS B 15 -26.19 5.54 26.57
CA CYS B 15 -27.03 4.34 26.63
C CYS B 15 -27.91 4.39 27.87
N SER B 16 -29.23 4.28 27.67
N SER B 16 -29.22 4.27 27.66
CA SER B 16 -30.14 4.37 28.80
CA SER B 16 -30.16 4.36 28.78
C SER B 16 -30.01 3.18 29.74
C SER B 16 -30.01 3.19 29.74
N ARG B 17 -29.45 2.07 29.28
CA ARG B 17 -29.23 0.91 30.14
C ARG B 17 -27.89 0.95 30.85
N SER B 18 -26.81 1.17 30.10
CA SER B 18 -25.45 1.01 30.61
C SER B 18 -24.71 2.30 30.88
N GLY B 19 -25.14 3.40 30.29
CA GLY B 19 -24.37 4.62 30.36
C GLY B 19 -23.24 4.75 29.35
N ALA B 20 -23.02 3.75 28.48
CA ALA B 20 -22.05 3.88 27.39
C ALA B 20 -22.23 5.22 26.68
N ARG B 21 -21.13 5.82 26.24
CA ARG B 21 -21.15 7.22 25.81
C ARG B 21 -20.91 7.35 24.32
N ALA B 22 -21.73 8.17 23.66
CA ALA B 22 -21.46 8.65 22.31
C ALA B 22 -21.18 10.14 22.39
N GLY B 23 -20.03 10.56 21.88
CA GLY B 23 -19.60 11.93 22.07
C GLY B 23 -18.97 12.52 20.81
N GLU B 24 -18.50 13.75 20.96
CA GLU B 24 -17.78 14.47 19.91
C GLU B 24 -16.65 15.24 20.55
N LEU B 25 -15.45 15.17 19.97
CA LEU B 25 -14.31 15.96 20.42
C LEU B 25 -14.07 17.08 19.42
N ARG B 26 -14.09 18.32 19.90
CA ARG B 26 -13.82 19.46 19.03
C ARG B 26 -12.33 19.73 19.08
N LEU B 27 -11.59 19.24 18.08
CA LEU B 27 -10.15 19.38 18.03
C LEU B 27 -9.73 20.33 16.91
N PRO B 28 -8.50 20.85 16.94
CA PRO B 28 -8.14 21.89 15.96
C PRO B 28 -8.17 21.46 14.51
N HIS B 29 -7.94 20.17 14.21
CA HIS B 29 -8.04 19.69 12.83
C HIS B 29 -9.34 18.92 12.59
N GLY B 30 -10.38 19.23 13.35
CA GLY B 30 -11.70 18.72 13.03
C GLY B 30 -12.36 18.02 14.19
N THR B 31 -13.68 17.82 14.09
CA THR B 31 -14.41 17.13 15.15
C THR B 31 -14.26 15.63 14.98
N VAL B 32 -14.09 14.92 16.10
CA VAL B 32 -13.92 13.47 16.13
C VAL B 32 -15.10 12.86 16.87
N ALA B 33 -15.77 11.90 16.24
CA ALA B 33 -16.84 11.16 16.88
C ALA B 33 -16.26 10.12 17.83
N THR B 34 -16.89 9.98 19.01
CA THR B 34 -16.45 8.97 19.98
C THR B 34 -17.62 8.05 20.30
N PRO B 35 -17.36 6.78 20.66
CA PRO B 35 -16.03 6.17 20.86
C PRO B 35 -15.24 6.01 19.57
N VAL B 36 -13.91 6.06 19.69
CA VAL B 36 -13.04 6.08 18.53
C VAL B 36 -11.83 5.18 18.77
N PHE B 37 -11.48 4.41 17.74
CA PHE B 37 -10.23 3.65 17.70
C PHE B 37 -9.24 4.44 16.86
N MET B 38 -8.03 4.60 17.37
CA MET B 38 -7.04 5.46 16.74
C MET B 38 -5.88 4.62 16.22
N PRO B 39 -5.76 4.44 14.91
CA PRO B 39 -4.63 3.69 14.36
C PRO B 39 -3.35 4.52 14.44
N VAL B 40 -2.22 3.83 14.36
CA VAL B 40 -0.92 4.52 14.32
C VAL B 40 -0.62 4.87 12.87
N GLY B 41 -0.40 6.16 12.62
CA GLY B 41 -0.21 6.62 11.25
C GLY B 41 0.96 5.96 10.57
N THR B 42 2.11 5.90 11.25
N THR B 42 2.12 5.91 11.24
CA THR B 42 3.31 5.34 10.65
CA THR B 42 3.31 5.33 10.63
C THR B 42 3.21 3.82 10.46
C THR B 42 3.16 3.83 10.40
N GLN B 43 2.35 3.14 11.22
CA GLN B 43 2.10 1.73 10.93
C GLN B 43 1.36 1.59 9.61
N ALA B 44 0.47 2.54 9.31
CA ALA B 44 -0.23 2.54 8.03
C ALA B 44 0.72 2.89 6.89
N THR B 45 1.57 3.92 7.06
CA THR B 45 2.47 4.28 5.96
C THR B 45 3.52 3.20 5.70
N MET B 46 3.93 2.48 6.75
CA MET B 46 4.83 1.36 6.53
C MET B 46 4.23 0.33 5.57
N LYS B 47 2.90 0.17 5.63
CA LYS B 47 2.18 -0.74 4.75
C LYS B 47 1.62 -0.06 3.49
N GLY B 48 2.15 1.11 3.14
CA GLY B 48 1.80 1.73 1.87
C GLY B 48 0.48 2.47 1.83
N ILE B 49 -0.10 2.78 2.98
CA ILE B 49 -1.41 3.42 3.05
C ILE B 49 -1.23 4.93 2.97
N THR B 50 -1.88 5.53 1.96
CA THR B 50 -1.81 6.97 1.71
C THR B 50 -2.80 7.71 2.60
N THR B 51 -2.61 9.04 2.68
CA THR B 51 -3.57 9.88 3.38
C THR B 51 -4.96 9.72 2.81
N GLU B 52 -5.07 9.72 1.46
N GLU B 52 -5.08 9.70 1.47
CA GLU B 52 -6.39 9.59 0.85
CA GLU B 52 -6.41 9.60 0.87
C GLU B 52 -7.04 8.27 1.21
C GLU B 52 -7.06 8.25 1.15
N GLN B 53 -6.25 7.18 1.24
CA GLN B 53 -6.83 5.88 1.60
C GLN B 53 -7.31 5.87 3.04
N LEU B 54 -6.48 6.37 3.95
CA LEU B 54 -6.87 6.35 5.36
C LEU B 54 -8.05 7.29 5.62
N ASP B 55 -8.05 8.46 4.96
CA ASP B 55 -9.21 9.35 5.05
C ASP B 55 -10.46 8.65 4.55
N SER B 56 -10.35 7.88 3.46
N SER B 56 -10.36 7.87 3.47
CA SER B 56 -11.51 7.23 2.87
CA SER B 56 -11.54 7.25 2.88
C SER B 56 -12.13 6.20 3.82
C SER B 56 -12.13 6.18 3.80
N LEU B 57 -11.31 5.57 4.65
CA LEU B 57 -11.81 4.62 5.65
C LEU B 57 -12.58 5.30 6.78
N GLY B 58 -12.57 6.62 6.85
CA GLY B 58 -13.28 7.34 7.87
C GLY B 58 -12.42 7.82 9.03
N CYS B 59 -11.11 7.63 8.94
CA CYS B 59 -10.23 7.97 10.05
C CYS B 59 -10.06 9.48 10.16
N ARG B 60 -10.33 10.02 11.35
CA ARG B 60 -10.18 11.44 11.60
C ARG B 60 -9.20 11.74 12.73
N ILE B 61 -8.57 10.71 13.28
CA ILE B 61 -7.51 10.92 14.26
C ILE B 61 -6.61 9.69 14.24
N CYS B 62 -5.30 9.90 14.17
N CYS B 62 -5.30 9.93 14.16
CA CYS B 62 -4.39 8.77 14.33
CA CYS B 62 -4.27 8.90 14.21
C CYS B 62 -3.27 9.15 15.29
C CYS B 62 -3.33 9.15 15.38
N LEU B 63 -2.57 8.12 15.74
CA LEU B 63 -1.49 8.26 16.69
C LEU B 63 -0.17 8.53 15.97
N GLY B 64 0.69 9.28 16.63
CA GLY B 64 2.09 9.29 16.28
C GLY B 64 2.88 8.79 17.47
N ASN B 65 3.86 7.92 17.23
CA ASN B 65 4.70 7.40 18.30
C ASN B 65 5.90 8.33 18.44
N THR B 66 5.97 9.02 19.57
CA THR B 66 6.93 10.13 19.69
C THR B 66 8.37 9.63 19.68
N TYR B 67 8.64 8.48 20.29
CA TYR B 67 10.00 7.94 20.29
C TYR B 67 10.50 7.68 18.86
N HIS B 68 9.71 6.99 18.05
CA HIS B 68 10.15 6.71 16.69
C HIS B 68 10.20 7.97 15.83
N LEU B 69 9.20 8.85 15.96
CA LEU B 69 9.26 10.12 15.24
C LEU B 69 10.47 10.93 15.67
N GLY B 70 10.85 10.84 16.94
CA GLY B 70 12.01 11.57 17.43
C GLY B 70 13.33 11.00 16.96
N LEU B 71 13.34 9.73 16.54
CA LEU B 71 14.52 9.15 15.90
C LEU B 71 14.58 9.49 14.42
N ARG B 72 13.51 9.20 13.67
CA ARG B 72 13.44 9.59 12.26
C ARG B 72 12.02 10.10 12.00
N PRO B 73 11.88 11.32 11.47
CA PRO B 73 12.93 12.21 11.00
C PRO B 73 13.57 13.09 12.08
N GLY B 74 13.05 13.04 13.30
CA GLY B 74 13.56 13.86 14.38
C GLY B 74 12.74 15.14 14.51
N PRO B 75 12.71 15.71 15.73
CA PRO B 75 11.81 16.87 15.97
C PRO B 75 12.21 18.13 15.21
N GLU B 76 13.51 18.38 15.02
CA GLU B 76 13.91 19.61 14.33
C GLU B 76 13.42 19.61 12.89
N LEU B 77 13.56 18.48 12.21
N LEU B 77 13.55 18.47 12.20
CA LEU B 77 13.09 18.40 10.83
CA LEU B 77 13.09 18.39 10.82
C LEU B 77 11.59 18.56 10.75
C LEU B 77 11.58 18.54 10.73
N ILE B 78 10.85 17.97 11.70
CA ILE B 78 9.39 18.11 11.71
C ILE B 78 9.00 19.55 11.98
N ARG B 79 9.74 20.22 12.86
CA ARG B 79 9.51 21.64 13.09
C ARG B 79 9.70 22.45 11.81
N LYS B 80 10.78 22.18 11.07
CA LYS B 80 11.01 22.91 9.82
C LYS B 80 9.94 22.62 8.79
N ALA B 81 9.32 21.44 8.86
CA ALA B 81 8.23 21.07 7.97
C ALA B 81 6.89 21.65 8.41
N GLN B 82 6.89 22.53 9.41
CA GLN B 82 5.69 23.13 10.00
C GLN B 82 4.81 22.10 10.69
N GLY B 83 5.41 21.13 11.37
CA GLY B 83 4.69 20.17 12.18
C GLY B 83 4.46 18.85 11.47
N LEU B 84 3.97 17.88 12.26
CA LEU B 84 3.69 16.54 11.75
C LEU B 84 2.61 16.56 10.68
N HIS B 85 1.57 17.39 10.86
CA HIS B 85 0.52 17.48 9.85
C HIS B 85 1.10 17.85 8.50
N GLY B 86 1.99 18.83 8.48
CA GLY B 86 2.58 19.23 7.23
C GLY B 86 3.55 18.20 6.71
N PHE B 87 4.42 17.68 7.58
CA PHE B 87 5.46 16.77 7.11
C PHE B 87 4.88 15.56 6.40
N MET B 88 3.85 14.94 7.00
CA MET B 88 3.33 13.67 6.52
C MET B 88 2.03 13.84 5.74
N ASN B 89 1.66 15.07 5.40
CA ASN B 89 0.46 15.35 4.60
C ASN B 89 -0.79 14.74 5.24
N TRP B 90 -1.00 15.03 6.50
CA TRP B 90 -2.19 14.53 7.21
C TRP B 90 -3.02 15.71 7.69
N PRO B 91 -4.23 15.89 7.17
CA PRO B 91 -5.03 17.08 7.51
C PRO B 91 -5.97 16.90 8.68
N HIS B 92 -6.08 15.69 9.25
CA HIS B 92 -6.99 15.46 10.35
C HIS B 92 -6.20 15.49 11.66
N ASN B 93 -6.75 14.91 12.71
CA ASN B 93 -6.16 15.06 14.03
C ASN B 93 -5.07 14.04 14.30
N LEU B 94 -4.15 14.41 15.18
CA LEU B 94 -3.04 13.59 15.60
C LEU B 94 -2.96 13.58 17.12
N LEU B 95 -2.69 12.42 17.69
CA LEU B 95 -2.40 12.26 19.10
C LEU B 95 -0.99 11.71 19.23
N THR B 96 -0.15 12.36 20.06
CA THR B 96 1.20 11.86 20.33
C THR B 96 1.37 11.58 21.82
N ASP B 97 2.25 10.63 22.12
CA ASP B 97 2.57 10.32 23.50
C ASP B 97 3.81 11.11 23.94
N SER B 98 4.23 10.88 25.19
CA SER B 98 5.31 11.66 25.76
C SER B 98 6.67 11.35 25.13
N GLY B 99 6.82 10.16 24.56
CA GLY B 99 8.10 9.73 24.04
C GLY B 99 8.98 9.04 25.05
N GLY B 100 8.46 8.77 26.26
CA GLY B 100 9.29 8.15 27.28
C GLY B 100 9.24 6.63 27.37
N PHE B 101 8.18 5.99 26.87
N PHE B 101 8.15 6.00 26.91
CA PHE B 101 8.08 4.54 27.06
CA PHE B 101 7.93 4.58 27.16
C PHE B 101 7.40 3.76 25.93
C PHE B 101 7.43 3.81 25.93
N GLN B 102 6.43 4.35 25.24
CA GLN B 102 5.70 3.58 24.24
C GLN B 102 6.63 3.18 23.09
N MET B 103 6.72 1.87 22.84
N MET B 103 6.71 1.87 22.84
CA MET B 103 7.55 1.27 21.81
CA MET B 103 7.55 1.29 21.79
C MET B 103 9.04 1.50 22.05
C MET B 103 9.04 1.49 22.05
N VAL B 104 9.44 1.76 23.28
CA VAL B 104 10.85 1.89 23.65
C VAL B 104 11.31 0.58 24.27
N SER B 105 12.36 -0.01 23.71
CA SER B 105 12.93 -1.22 24.30
C SER B 105 13.52 -0.94 25.68
N LEU B 106 13.33 -1.88 26.62
CA LEU B 106 14.01 -1.75 27.90
C LEU B 106 15.53 -1.79 27.75
N PHE B 107 16.04 -2.37 26.66
CA PHE B 107 17.48 -2.32 26.41
C PHE B 107 17.96 -0.90 26.19
N SER B 108 17.07 -0.01 25.75
CA SER B 108 17.45 1.38 25.50
C SER B 108 17.12 2.31 26.66
N LEU B 109 16.68 1.79 27.81
CA LEU B 109 16.28 2.63 28.92
C LEU B 109 17.14 2.36 30.15
N SER B 110 17.69 3.44 30.73
CA SER B 110 18.32 3.35 32.05
C SER B 110 17.24 3.56 33.11
N GLU B 111 17.62 3.53 34.38
CA GLU B 111 16.59 3.70 35.41
C GLU B 111 16.03 5.11 35.40
N VAL B 112 14.73 5.21 35.67
CA VAL B 112 14.04 6.49 35.79
C VAL B 112 14.53 7.24 37.02
N THR B 113 14.66 8.57 36.90
CA THR B 113 14.92 9.42 38.06
C THR B 113 13.92 10.57 38.05
N GLU B 114 13.95 11.40 39.10
CA GLU B 114 13.00 12.50 39.16
C GLU B 114 13.15 13.46 37.99
N GLU B 115 14.37 13.58 37.45
CA GLU B 115 14.59 14.52 36.36
C GLU B 115 13.89 14.07 35.08
N GLY B 116 13.74 12.76 34.86
CA GLY B 116 13.04 12.30 33.68
C GLY B 116 13.47 10.89 33.30
N VAL B 117 13.20 10.55 32.04
CA VAL B 117 13.51 9.26 31.46
C VAL B 117 14.92 9.34 30.88
N HIS B 118 15.68 8.25 30.98
CA HIS B 118 17.07 8.22 30.54
C HIS B 118 17.24 7.16 29.47
N PHE B 119 17.66 7.57 28.28
CA PHE B 119 17.91 6.66 27.17
C PHE B 119 19.38 6.29 27.10
N ARG B 120 19.65 5.05 26.73
CA ARG B 120 21.00 4.53 26.56
C ARG B 120 21.38 4.54 25.09
N SER B 121 22.63 4.85 24.81
CA SER B 121 23.11 4.66 23.45
C SER B 121 23.98 3.41 23.35
N PRO B 122 24.15 2.88 22.14
CA PRO B 122 24.89 1.63 21.97
C PRO B 122 26.33 1.70 22.45
N TYR B 123 26.79 0.57 22.99
CA TYR B 123 28.21 0.32 23.24
C TYR B 123 28.80 1.32 24.22
N ASP B 124 28.06 1.54 25.33
CA ASP B 124 28.50 2.33 26.48
C ASP B 124 28.62 3.81 26.16
N GLY B 125 27.85 4.27 25.18
CA GLY B 125 27.84 5.67 24.81
C GLY B 125 27.13 6.52 25.85
N GLU B 126 27.02 7.81 25.54
CA GLU B 126 26.40 8.74 26.46
C GLU B 126 24.89 8.63 26.43
N GLU B 127 24.29 8.90 27.58
CA GLU B 127 22.85 8.80 27.74
C GLU B 127 22.16 10.10 27.33
N THR B 128 20.84 10.03 27.15
N THR B 128 20.86 10.04 27.13
CA THR B 128 19.99 11.15 26.76
CA THR B 128 20.08 11.23 26.81
C THR B 128 18.88 11.28 27.80
C THR B 128 18.89 11.32 27.75
N LEU B 129 18.68 12.50 28.32
CA LEU B 129 17.60 12.74 29.27
C LEU B 129 16.37 13.24 28.51
N LEU B 130 15.20 12.68 28.83
CA LEU B 130 13.92 13.22 28.39
C LEU B 130 13.18 13.66 29.65
N SER B 131 13.18 14.96 29.91
CA SER B 131 12.44 15.52 31.03
C SER B 131 10.98 15.78 30.64
N PRO B 132 10.09 15.94 31.63
CA PRO B 132 8.72 16.39 31.32
C PRO B 132 8.70 17.64 30.45
N GLU B 133 9.57 18.61 30.75
CA GLU B 133 9.59 19.85 29.99
C GLU B 133 10.02 19.61 28.55
N ARG B 134 11.05 18.77 28.35
CA ARG B 134 11.48 18.48 26.98
C ARG B 134 10.45 17.67 26.22
N SER B 135 9.74 16.76 26.91
CA SER B 135 8.66 16.01 26.27
C SER B 135 7.59 16.96 25.75
N VAL B 136 7.19 17.94 26.56
CA VAL B 136 6.22 18.93 26.09
C VAL B 136 6.80 19.72 24.90
N GLU B 137 8.06 20.15 25.01
CA GLU B 137 8.67 20.93 23.94
C GLU B 137 8.69 20.16 22.63
N ILE B 138 9.03 18.87 22.69
CA ILE B 138 9.03 18.02 21.51
C ILE B 138 7.63 17.91 20.93
N GLN B 139 6.64 17.64 21.77
CA GLN B 139 5.28 17.50 21.26
C GLN B 139 4.73 18.82 20.74
N ASN B 140 5.18 19.95 21.33
CA ASN B 140 4.83 21.25 20.76
C ASN B 140 5.33 21.35 19.32
N ALA B 141 6.56 20.90 19.08
CA ALA B 141 7.14 20.95 17.73
C ALA B 141 6.41 20.02 16.77
N LEU B 142 5.96 18.86 17.27
CA LEU B 142 5.16 17.96 16.44
C LEU B 142 3.82 18.58 16.07
N GLY B 143 3.25 19.42 16.93
CA GLY B 143 2.00 20.07 16.61
C GLY B 143 0.78 19.19 16.65
N SER B 144 0.85 18.06 17.36
CA SER B 144 -0.32 17.20 17.45
C SER B 144 -1.45 17.89 18.21
N ASP B 145 -2.66 17.40 17.96
CA ASP B 145 -3.86 17.99 18.55
C ASP B 145 -4.08 17.56 19.98
N ILE B 146 -3.65 16.35 20.33
CA ILE B 146 -3.64 15.86 21.70
C ILE B 146 -2.24 15.44 22.01
N ILE B 147 -1.72 15.86 23.16
CA ILE B 147 -0.38 15.49 23.62
C ILE B 147 -0.54 14.83 24.98
N MET B 148 0.30 13.83 25.27
CA MET B 148 0.20 13.09 26.53
C MET B 148 1.29 13.50 27.51
N GLN B 149 0.95 13.52 28.80
CA GLN B 149 1.98 13.78 29.80
C GLN B 149 3.06 12.72 29.74
N LEU B 150 4.26 13.10 30.20
CA LEU B 150 5.28 12.12 30.56
C LEU B 150 4.86 11.46 31.86
N ASP B 151 4.78 10.13 31.87
CA ASP B 151 4.46 9.40 33.08
C ASP B 151 5.59 8.44 33.41
N HIS B 152 5.61 7.98 34.66
CA HIS B 152 6.58 6.95 35.05
C HIS B 152 5.88 5.61 34.88
N VAL B 153 6.13 4.96 33.73
CA VAL B 153 5.46 3.71 33.39
C VAL B 153 6.26 2.56 33.97
N VAL B 154 5.57 1.60 34.58
CA VAL B 154 6.19 0.37 35.03
C VAL B 154 5.41 -0.80 34.43
N SER B 155 6.12 -1.90 34.20
CA SER B 155 5.54 -3.06 33.54
C SER B 155 4.46 -3.75 34.38
N VAL B 158 5.01 -5.71 37.75
CA VAL B 158 5.72 -5.03 38.82
C VAL B 158 4.86 -4.98 40.09
N THR B 159 5.40 -5.44 41.20
CA THR B 159 4.77 -5.26 42.50
C THR B 159 5.78 -4.61 43.44
N GLY B 160 5.33 -4.31 44.65
CA GLY B 160 6.17 -3.66 45.62
C GLY B 160 6.05 -2.15 45.55
N PRO B 161 6.92 -1.45 46.29
CA PRO B 161 6.79 0.00 46.41
C PRO B 161 6.96 0.76 45.09
N LEU B 162 7.55 0.15 44.07
CA LEU B 162 7.79 0.88 42.83
C LEU B 162 6.49 1.34 42.18
N VAL B 163 5.41 0.58 42.34
CA VAL B 163 4.13 0.98 41.74
C VAL B 163 3.65 2.29 42.35
N GLU B 164 3.68 2.39 43.68
CA GLU B 164 3.27 3.62 44.36
C GLU B 164 4.23 4.77 44.06
N GLU B 165 5.54 4.48 44.07
N GLU B 165 5.53 4.49 44.03
CA GLU B 165 6.53 5.50 43.72
CA GLU B 165 6.50 5.54 43.74
C GLU B 165 6.26 6.08 42.34
C GLU B 165 6.32 6.08 42.33
N ALA B 166 6.07 5.19 41.35
CA ALA B 166 5.89 5.63 39.97
C ALA B 166 4.58 6.38 39.80
N MET B 167 3.54 5.96 40.53
CA MET B 167 2.26 6.66 40.46
C MET B 167 2.40 8.11 40.93
N HIS B 168 3.09 8.32 42.06
CA HIS B 168 3.21 9.68 42.58
C HIS B 168 4.15 10.51 41.72
N ARG B 169 5.21 9.89 41.19
CA ARG B 169 6.06 10.60 40.24
C ARG B 169 5.28 11.03 39.01
N SER B 170 4.33 10.19 38.57
CA SER B 170 3.50 10.55 37.41
C SER B 170 2.64 11.76 37.72
N VAL B 171 2.18 11.89 38.97
CA VAL B 171 1.44 13.10 39.36
C VAL B 171 2.35 14.32 39.30
N ARG B 172 3.57 14.21 39.86
CA ARG B 172 4.50 15.34 39.83
C ARG B 172 4.88 15.72 38.41
N TRP B 173 5.09 14.72 37.57
CA TRP B 173 5.41 14.97 36.16
C TRP B 173 4.22 15.59 35.42
N LEU B 174 3.00 15.18 35.76
CA LEU B 174 1.82 15.85 35.21
C LEU B 174 1.88 17.34 35.47
N ASP B 175 2.12 17.72 36.74
CA ASP B 175 2.16 19.15 37.06
C ASP B 175 3.25 19.85 36.26
N ARG B 176 4.39 19.18 36.06
CA ARG B 176 5.48 19.82 35.31
C ARG B 176 5.11 19.95 33.84
N CYS B 177 4.39 18.98 33.28
CA CYS B 177 3.95 19.10 31.90
C CYS B 177 2.91 20.22 31.76
N ILE B 178 2.00 20.34 32.72
CA ILE B 178 1.02 21.43 32.66
C ILE B 178 1.72 22.77 32.69
N ALA B 179 2.74 22.91 33.54
CA ALA B 179 3.45 24.18 33.66
C ALA B 179 4.24 24.50 32.40
N ALA B 180 4.75 23.49 31.71
CA ALA B 180 5.57 23.68 30.53
C ALA B 180 4.75 23.95 29.28
N HIS B 181 3.48 23.56 29.27
CA HIS B 181 2.62 23.60 28.09
C HIS B 181 1.97 24.99 27.99
N LYS B 182 2.55 25.85 27.17
CA LYS B 182 2.16 27.25 27.15
C LYS B 182 0.96 27.55 26.25
N HIS B 183 0.53 26.60 25.42
CA HIS B 183 -0.52 26.86 24.44
C HIS B 183 -1.62 25.81 24.52
N PRO B 184 -2.38 25.78 25.62
CA PRO B 184 -3.52 24.86 25.69
C PRO B 184 -4.62 25.21 24.69
N ASP B 185 -4.58 26.40 24.10
CA ASP B 185 -5.52 26.75 23.05
C ASP B 185 -5.24 26.01 21.75
N LYS B 186 -4.02 25.49 21.57
CA LYS B 186 -3.61 24.85 20.32
C LYS B 186 -3.45 23.33 20.43
N GLN B 187 -3.12 22.82 21.60
CA GLN B 187 -2.92 21.40 21.80
C GLN B 187 -3.48 21.01 23.15
N ASN B 188 -4.08 19.82 23.23
CA ASN B 188 -4.75 19.38 24.45
C ASN B 188 -3.92 18.36 25.19
N LEU B 189 -3.48 18.70 26.40
CA LEU B 189 -2.67 17.81 27.23
C LEU B 189 -3.56 16.86 28.02
N PHE B 190 -3.30 15.55 27.90
CA PHE B 190 -4.02 14.56 28.70
C PHE B 190 -3.14 14.03 29.83
N ALA B 191 -3.76 13.88 31.00
CA ALA B 191 -3.12 13.15 32.09
C ALA B 191 -3.28 11.64 31.86
N ILE B 192 -2.44 10.84 32.53
CA ILE B 192 -2.49 9.38 32.42
C ILE B 192 -2.59 8.77 33.82
N ILE B 193 -3.72 8.10 34.08
CA ILE B 193 -3.94 7.47 35.38
C ILE B 193 -3.04 6.24 35.51
N GLN B 194 -2.32 6.15 36.64
CA GLN B 194 -1.48 4.99 36.94
C GLN B 194 -1.98 4.28 38.19
N GLY B 195 -1.09 3.57 38.90
CA GLY B 195 -1.49 2.80 40.07
C GLY B 195 -1.59 1.30 39.84
N GLY B 196 -1.33 0.84 38.63
CA GLY B 196 -1.25 -0.59 38.35
C GLY B 196 -2.58 -1.29 38.56
N LEU B 197 -2.50 -2.49 39.13
CA LEU B 197 -3.68 -3.27 39.46
C LEU B 197 -4.08 -3.11 40.92
N ASN B 198 -3.50 -2.13 41.61
CA ASN B 198 -3.79 -1.88 43.02
C ASN B 198 -4.93 -0.88 43.11
N ALA B 199 -6.09 -1.33 43.61
CA ALA B 199 -7.25 -0.46 43.66
C ALA B 199 -6.99 0.79 44.51
N ASP B 200 -6.26 0.63 45.63
CA ASP B 200 -6.02 1.80 46.46
C ASP B 200 -5.11 2.81 45.78
N LEU B 201 -4.03 2.33 45.13
CA LEU B 201 -3.14 3.23 44.42
C LEU B 201 -3.82 3.87 43.23
N ARG B 202 -4.59 3.11 42.46
CA ARG B 202 -5.28 3.70 41.31
C ARG B 202 -6.35 4.68 41.77
N THR B 203 -7.05 4.37 42.86
CA THR B 203 -8.01 5.32 43.42
C THR B 203 -7.31 6.62 43.82
N THR B 204 -6.15 6.52 44.46
CA THR B 204 -5.41 7.72 44.83
C THR B 204 -5.01 8.50 43.58
N CYS B 205 -4.52 7.81 42.57
CA CYS B 205 -4.11 8.51 41.35
C CYS B 205 -5.30 9.20 40.70
N LEU B 206 -6.46 8.53 40.70
CA LEU B 206 -7.66 9.16 40.12
C LEU B 206 -8.06 10.40 40.91
N LYS B 207 -8.07 10.28 42.24
CA LYS B 207 -8.44 11.42 43.09
C LYS B 207 -7.49 12.60 42.87
N GLU B 208 -6.19 12.33 42.80
CA GLU B 208 -5.25 13.45 42.73
C GLU B 208 -5.18 14.03 41.32
N MET B 209 -5.06 13.19 40.29
CA MET B 209 -4.93 13.74 38.95
C MET B 209 -6.17 14.51 38.51
N THR B 210 -7.36 14.09 38.95
CA THR B 210 -8.55 14.83 38.54
C THR B 210 -8.68 16.18 39.24
N LYS B 211 -7.79 16.50 40.19
CA LYS B 211 -7.69 17.86 40.72
C LYS B 211 -7.03 18.82 39.73
N ARG B 212 -6.39 18.30 38.70
CA ARG B 212 -5.76 19.12 37.67
C ARG B 212 -6.75 19.35 36.54
N ASP B 213 -6.87 20.59 36.07
CA ASP B 213 -7.87 20.93 35.03
C ASP B 213 -7.24 20.76 33.64
N VAL B 214 -6.97 19.50 33.29
CA VAL B 214 -6.49 19.16 31.95
C VAL B 214 -7.69 18.76 31.10
N PRO B 215 -7.61 18.87 29.78
CA PRO B 215 -8.81 18.65 28.95
C PRO B 215 -9.22 17.19 28.81
N GLY B 216 -8.37 16.22 29.14
CA GLY B 216 -8.77 14.83 29.00
C GLY B 216 -7.91 13.93 29.87
N PHE B 217 -8.37 12.70 30.05
CA PHE B 217 -7.71 11.75 30.91
C PHE B 217 -7.56 10.41 30.21
N ALA B 218 -6.38 9.83 30.32
CA ALA B 218 -6.13 8.50 29.81
C ALA B 218 -5.97 7.53 30.97
N ILE B 219 -6.19 6.26 30.67
CA ILE B 219 -6.07 5.19 31.64
C ILE B 219 -4.87 4.36 31.25
N GLY B 220 -3.80 4.46 32.02
CA GLY B 220 -2.56 3.78 31.71
C GLY B 220 -2.34 2.53 32.53
N GLY B 221 -1.37 1.74 32.08
CA GLY B 221 -0.88 0.59 32.83
C GLY B 221 -1.74 -0.67 32.76
N LEU B 222 -2.70 -0.75 31.83
CA LEU B 222 -3.62 -1.88 31.80
C LEU B 222 -3.57 -2.69 30.51
N SER B 223 -2.66 -2.41 29.58
CA SER B 223 -2.78 -3.03 28.27
C SER B 223 -2.40 -4.51 28.28
N GLY B 224 -1.53 -4.94 29.19
CA GLY B 224 -1.09 -6.32 29.15
C GLY B 224 -0.50 -6.79 30.46
N GLY B 225 -0.56 -8.10 30.68
CA GLY B 225 0.10 -8.72 31.80
C GLY B 225 -0.83 -9.33 32.84
N GLU B 226 -1.93 -8.63 33.12
CA GLU B 226 -2.80 -8.95 34.23
C GLU B 226 -3.92 -9.90 33.80
N SER B 227 -4.62 -10.46 34.79
CA SER B 227 -5.80 -11.27 34.51
C SER B 227 -6.89 -10.39 33.90
N LYS B 228 -7.82 -11.03 33.19
CA LYS B 228 -8.94 -10.25 32.67
C LYS B 228 -9.84 -9.74 33.78
N ALA B 229 -9.95 -10.50 34.87
CA ALA B 229 -10.72 -10.04 36.02
C ALA B 229 -10.19 -8.73 36.56
N GLN B 230 -8.86 -8.65 36.76
CA GLN B 230 -8.26 -7.42 37.27
C GLN B 230 -8.38 -6.30 36.24
N PHE B 231 -8.24 -6.63 34.96
CA PHE B 231 -8.28 -5.62 33.90
C PHE B 231 -9.59 -4.84 33.92
N TRP B 232 -10.73 -5.54 33.82
CA TRP B 232 -11.97 -4.79 33.63
C TRP B 232 -12.38 -4.08 34.91
N LYS B 233 -12.02 -4.63 36.07
CA LYS B 233 -12.30 -3.95 37.32
C LYS B 233 -11.50 -2.66 37.43
N MET B 234 -10.26 -2.64 36.94
CA MET B 234 -9.49 -1.39 36.95
C MET B 234 -10.04 -0.39 35.93
N VAL B 235 -10.52 -0.86 34.78
CA VAL B 235 -11.15 0.06 33.84
C VAL B 235 -12.38 0.70 34.47
N ALA B 236 -13.24 -0.13 35.09
CA ALA B 236 -14.47 0.37 35.70
C ALA B 236 -14.16 1.30 36.87
N LEU B 237 -13.15 0.97 37.68
CA LEU B 237 -12.76 1.90 38.75
C LEU B 237 -12.39 3.25 38.15
N SER B 238 -11.61 3.23 37.07
CA SER B 238 -11.16 4.48 36.45
C SER B 238 -12.35 5.29 35.91
N THR B 239 -13.26 4.64 35.18
CA THR B 239 -14.36 5.41 34.60
C THR B 239 -15.34 5.89 35.66
N SER B 240 -15.39 5.23 36.82
CA SER B 240 -16.28 5.68 37.89
C SER B 240 -15.80 6.97 38.53
N MET B 241 -14.51 7.31 38.38
CA MET B 241 -13.93 8.48 39.04
C MET B 241 -13.45 9.56 38.08
N LEU B 242 -13.27 9.25 36.79
CA LEU B 242 -12.88 10.27 35.84
C LEU B 242 -14.06 11.17 35.47
N PRO B 243 -13.81 12.45 35.19
CA PRO B 243 -14.91 13.38 34.93
C PRO B 243 -15.79 12.90 33.79
N LYS B 244 -17.11 12.99 34.02
CA LYS B 244 -18.05 12.62 32.97
C LYS B 244 -17.94 13.55 31.77
N ASP B 245 -17.62 14.82 32.01
CA ASP B 245 -17.63 15.81 30.94
C ASP B 245 -16.32 15.94 30.19
N LYS B 246 -15.40 14.99 30.35
CA LYS B 246 -14.15 14.95 29.62
C LYS B 246 -13.91 13.54 29.10
N PRO B 247 -13.09 13.40 28.06
CA PRO B 247 -12.89 12.07 27.46
C PRO B 247 -12.09 11.15 28.35
N ARG B 248 -12.33 9.85 28.17
CA ARG B 248 -11.57 8.78 28.82
C ARG B 248 -10.88 7.96 27.73
N TYR B 249 -9.56 7.97 27.72
CA TYR B 249 -8.75 7.31 26.70
C TYR B 249 -8.08 6.08 27.32
N LEU B 250 -8.50 4.89 26.91
CA LEU B 250 -7.93 3.64 27.42
C LEU B 250 -6.78 3.24 26.50
N MET B 251 -5.55 3.27 27.04
CA MET B 251 -4.38 3.11 26.20
C MET B 251 -4.05 1.64 26.00
N GLY B 252 -3.68 1.31 24.77
CA GLY B 252 -3.16 -0.01 24.47
C GLY B 252 -4.19 -1.12 24.39
N VAL B 253 -5.47 -0.78 24.29
CA VAL B 253 -6.55 -1.77 24.25
C VAL B 253 -7.24 -1.67 22.90
N GLY B 254 -7.34 -2.80 22.20
CA GLY B 254 -7.86 -2.78 20.84
C GLY B 254 -8.47 -4.03 20.25
N TYR B 255 -8.41 -5.17 20.92
CA TYR B 255 -9.17 -6.33 20.42
C TYR B 255 -10.66 -6.01 20.45
N ALA B 256 -11.40 -6.53 19.45
CA ALA B 256 -12.80 -6.16 19.26
C ALA B 256 -13.62 -6.36 20.52
N THR B 257 -13.53 -7.54 21.14
CA THR B 257 -14.35 -7.77 22.33
C THR B 257 -13.97 -6.83 23.46
N ASP B 258 -12.66 -6.59 23.64
CA ASP B 258 -12.21 -5.63 24.64
C ASP B 258 -12.80 -4.26 24.39
N LEU B 259 -12.83 -3.84 23.12
CA LEU B 259 -13.34 -2.52 22.75
C LEU B 259 -14.81 -2.40 23.11
N VAL B 260 -15.62 -3.39 22.73
CA VAL B 260 -17.05 -3.31 23.00
C VAL B 260 -17.31 -3.27 24.51
N VAL B 261 -16.65 -4.14 25.27
CA VAL B 261 -16.86 -4.14 26.71
C VAL B 261 -16.43 -2.82 27.33
N CYS B 262 -15.28 -2.29 26.90
CA CYS B 262 -14.77 -1.09 27.54
C CYS B 262 -15.57 0.16 27.16
N VAL B 263 -16.19 0.17 25.97
CA VAL B 263 -17.18 1.21 25.71
C VAL B 263 -18.34 1.08 26.69
N ALA B 264 -18.81 -0.16 26.91
CA ALA B 264 -19.90 -0.34 27.86
C ALA B 264 -19.52 0.16 29.25
N LEU B 265 -18.23 0.08 29.61
CA LEU B 265 -17.76 0.50 30.92
C LEU B 265 -17.50 2.00 31.02
N GLY B 266 -17.55 2.73 29.90
CA GLY B 266 -17.43 4.17 29.96
C GLY B 266 -16.23 4.79 29.26
N CYS B 267 -15.50 4.02 28.46
CA CYS B 267 -14.34 4.56 27.75
C CYS B 267 -14.73 5.16 26.40
N ASP B 268 -13.93 6.14 25.96
CA ASP B 268 -14.21 6.93 24.76
C ASP B 268 -13.20 6.79 23.62
N MET B 269 -11.94 6.52 23.94
CA MET B 269 -10.88 6.52 22.92
C MET B 269 -9.99 5.32 23.18
N PHE B 270 -9.46 4.73 22.09
CA PHE B 270 -8.67 3.51 22.19
C PHE B 270 -7.53 3.53 21.18
N ASP B 271 -6.46 2.81 21.50
CA ASP B 271 -5.38 2.54 20.55
C ASP B 271 -4.85 1.14 20.84
N CYS B 272 -4.29 0.51 19.81
CA CYS B 272 -3.64 -0.79 19.91
C CYS B 272 -3.00 -1.15 18.57
N VAL B 273 -1.74 -1.57 18.61
CA VAL B 273 -1.03 -1.97 17.40
C VAL B 273 -1.38 -3.39 16.95
N TYR B 274 -1.86 -4.25 17.86
CA TYR B 274 -1.80 -5.68 17.58
C TYR B 274 -2.87 -6.15 16.60
N PRO B 275 -4.14 -5.76 16.70
CA PRO B 275 -5.13 -6.32 15.74
C PRO B 275 -4.78 -6.02 14.30
N THR B 276 -4.35 -4.80 14.03
CA THR B 276 -3.90 -4.42 12.69
C THR B 276 -2.61 -5.13 12.30
N ARG B 277 -1.71 -5.37 13.27
CA ARG B 277 -0.45 -6.05 12.98
C ARG B 277 -0.63 -7.55 12.74
N THR B 278 -1.80 -8.11 13.09
CA THR B 278 -2.07 -9.50 12.70
C THR B 278 -2.04 -9.67 11.19
N ALA B 279 -2.31 -8.59 10.44
CA ALA B 279 -2.24 -8.65 8.98
C ALA B 279 -0.89 -9.16 8.51
N ARG B 280 0.19 -8.77 9.21
CA ARG B 280 1.53 -9.21 8.82
C ARG B 280 1.66 -10.72 8.82
N PHE B 281 0.76 -11.43 9.50
CA PHE B 281 0.78 -12.89 9.51
C PHE B 281 -0.34 -13.49 8.67
N GLY B 282 -1.05 -12.67 7.89
CA GLY B 282 -2.05 -13.19 6.97
C GLY B 282 -3.46 -13.22 7.51
N SER B 283 -3.70 -12.67 8.69
N SER B 283 -3.69 -12.71 8.72
CA SER B 283 -5.00 -12.78 9.36
CA SER B 283 -4.99 -12.74 9.36
C SER B 283 -5.84 -11.54 9.10
C SER B 283 -5.82 -11.55 8.93
N ALA B 284 -7.12 -11.77 8.76
CA ALA B 284 -8.07 -10.71 8.43
C ALA B 284 -9.19 -10.69 9.45
N LEU B 285 -9.49 -9.51 9.99
CA LEU B 285 -10.50 -9.40 11.05
C LEU B 285 -11.91 -9.46 10.48
N VAL B 286 -12.77 -10.24 11.12
CA VAL B 286 -14.16 -10.43 10.67
C VAL B 286 -15.06 -10.51 11.89
N PRO B 287 -16.37 -10.40 11.73
CA PRO B 287 -17.27 -10.44 12.90
C PRO B 287 -17.23 -11.75 13.65
N THR B 288 -16.75 -12.84 13.04
CA THR B 288 -16.60 -14.11 13.73
C THR B 288 -15.21 -14.29 14.33
N GLY B 289 -14.36 -13.27 14.25
CA GLY B 289 -13.01 -13.33 14.79
C GLY B 289 -11.98 -12.97 13.73
N ASN B 290 -11.34 -13.98 13.15
CA ASN B 290 -10.36 -13.71 12.11
C ASN B 290 -10.30 -14.87 11.12
N LEU B 291 -9.96 -14.54 9.87
CA LEU B 291 -9.65 -15.52 8.85
C LEU B 291 -8.14 -15.59 8.71
N GLN B 292 -7.57 -16.79 8.77
CA GLN B 292 -6.15 -16.98 8.50
C GLN B 292 -6.01 -17.31 7.03
N LEU B 293 -5.77 -16.27 6.21
CA LEU B 293 -5.86 -16.44 4.78
C LEU B 293 -4.71 -17.24 4.19
N LYS B 294 -3.67 -17.54 4.97
CA LYS B 294 -2.62 -18.45 4.47
C LYS B 294 -3.09 -19.89 4.38
N LYS B 295 -4.22 -20.23 5.01
CA LYS B 295 -4.68 -21.60 5.04
C LYS B 295 -5.15 -22.05 3.66
N LYS B 296 -4.94 -23.34 3.38
CA LYS B 296 -5.21 -23.88 2.04
C LYS B 296 -6.68 -23.80 1.67
N GLN B 297 -7.57 -23.80 2.67
CA GLN B 297 -9.00 -23.72 2.39
C GLN B 297 -9.40 -22.44 1.66
N TYR B 298 -8.55 -21.41 1.65
CA TYR B 298 -8.87 -20.17 0.96
C TYR B 298 -8.32 -20.12 -0.46
N ALA B 299 -7.57 -21.13 -0.90
CA ALA B 299 -6.91 -21.06 -2.21
C ALA B 299 -7.91 -20.93 -3.34
N LYS B 300 -9.11 -21.52 -3.20
CA LYS B 300 -10.14 -21.46 -4.22
C LYS B 300 -11.43 -20.84 -3.67
N ASP B 301 -11.31 -19.96 -2.68
CA ASP B 301 -12.45 -19.27 -2.09
C ASP B 301 -12.54 -17.90 -2.76
N PHE B 302 -13.50 -17.75 -3.67
CA PHE B 302 -13.52 -16.56 -4.51
C PHE B 302 -14.39 -15.44 -3.95
N SER B 303 -14.83 -15.57 -2.70
N SER B 303 -14.83 -15.56 -2.69
CA SER B 303 -15.54 -14.47 -2.04
CA SER B 303 -15.55 -14.47 -2.05
C SER B 303 -14.53 -13.48 -1.46
C SER B 303 -14.57 -13.49 -1.42
N PRO B 304 -14.96 -12.24 -1.22
CA PRO B 304 -14.11 -11.30 -0.49
C PRO B 304 -14.01 -11.73 0.97
N ILE B 305 -13.07 -11.12 1.70
CA ILE B 305 -12.98 -11.37 3.14
C ILE B 305 -14.34 -11.23 3.80
N ASN B 306 -15.02 -10.11 3.51
CA ASN B 306 -16.33 -9.83 4.08
C ASN B 306 -17.12 -9.08 3.02
N PRO B 307 -18.17 -9.68 2.47
CA PRO B 307 -18.96 -8.97 1.43
C PRO B 307 -19.52 -7.63 1.89
N GLU B 308 -19.76 -7.45 3.18
CA GLU B 308 -20.32 -6.21 3.69
C GLU B 308 -19.28 -5.28 4.28
N CYS B 309 -17.98 -5.56 4.04
CA CYS B 309 -16.95 -4.60 4.40
C CYS B 309 -16.78 -3.60 3.27
N PRO B 310 -16.87 -2.30 3.56
CA PRO B 310 -16.71 -1.28 2.51
C PRO B 310 -15.27 -0.96 2.14
N CYS B 311 -14.29 -1.66 2.68
CA CYS B 311 -12.91 -1.29 2.43
C CYS B 311 -12.54 -1.63 0.98
N PRO B 312 -11.52 -0.95 0.46
CA PRO B 312 -11.11 -1.22 -0.93
C PRO B 312 -10.71 -2.67 -1.18
N THR B 313 -10.15 -3.35 -0.19
CA THR B 313 -9.75 -4.74 -0.40
C THR B 313 -10.96 -5.62 -0.65
N CYS B 314 -12.03 -5.41 0.11
CA CYS B 314 -13.21 -6.24 -0.05
C CYS B 314 -14.04 -5.82 -1.26
N GLN B 315 -13.91 -4.57 -1.69
CA GLN B 315 -14.59 -4.19 -2.93
C GLN B 315 -13.94 -4.79 -4.17
N THR B 316 -12.66 -5.13 -4.08
CA THR B 316 -11.82 -5.44 -5.24
C THR B 316 -11.37 -6.88 -5.30
N HIS B 317 -11.07 -7.51 -4.16
CA HIS B 317 -10.27 -8.72 -4.14
C HIS B 317 -10.93 -9.87 -3.38
N SER B 318 -10.66 -11.08 -3.85
CA SER B 318 -11.14 -12.30 -3.22
C SER B 318 -10.13 -12.83 -2.21
N ARG B 319 -10.63 -13.69 -1.33
CA ARG B 319 -9.76 -14.47 -0.45
C ARG B 319 -8.72 -15.25 -1.24
N ALA B 320 -9.14 -15.87 -2.36
CA ALA B 320 -8.21 -16.65 -3.18
C ALA B 320 -7.06 -15.80 -3.70
N PHE B 321 -7.38 -14.60 -4.21
CA PHE B 321 -6.33 -13.71 -4.70
C PHE B 321 -5.38 -13.31 -3.58
N LEU B 322 -5.92 -12.96 -2.42
CA LEU B 322 -5.08 -12.60 -1.29
C LEU B 322 -4.24 -13.77 -0.83
N HIS B 323 -4.83 -14.97 -0.77
CA HIS B 323 -4.07 -16.17 -0.42
C HIS B 323 -2.89 -16.37 -1.37
N ALA B 324 -3.13 -16.19 -2.67
CA ALA B 324 -2.04 -16.33 -3.64
C ALA B 324 -0.97 -15.26 -3.42
N LEU B 325 -1.38 -14.02 -3.14
CA LEU B 325 -0.40 -12.96 -2.93
C LEU B 325 0.39 -13.17 -1.65
N LEU B 326 -0.26 -13.66 -0.58
CA LEU B 326 0.47 -13.91 0.66
C LEU B 326 1.66 -14.81 0.44
N HIS B 327 1.53 -15.77 -0.47
CA HIS B 327 2.63 -16.66 -0.79
C HIS B 327 3.62 -16.05 -1.77
N SER B 328 3.12 -15.47 -2.87
N SER B 328 3.14 -15.46 -2.87
CA SER B 328 3.96 -15.12 -4.01
CA SER B 328 4.00 -15.12 -4.00
C SER B 328 4.32 -13.64 -4.10
C SER B 328 4.28 -13.63 -4.16
N ASP B 329 3.59 -12.75 -3.42
CA ASP B 329 3.85 -11.30 -3.46
C ASP B 329 3.39 -10.72 -2.12
N ASN B 330 4.13 -11.08 -1.07
CA ASN B 330 3.66 -10.87 0.30
C ASN B 330 3.48 -9.39 0.63
N THR B 331 4.41 -8.54 0.15
CA THR B 331 4.33 -7.11 0.48
C THR B 331 3.01 -6.51 -0.01
N THR B 332 2.59 -6.88 -1.22
CA THR B 332 1.32 -6.40 -1.74
C THR B 332 0.17 -6.91 -0.89
N ALA B 333 0.22 -8.19 -0.52
CA ALA B 333 -0.83 -8.74 0.34
C ALA B 333 -0.93 -7.97 1.64
N LEU B 334 0.21 -7.63 2.26
CA LEU B 334 0.15 -6.97 3.54
C LEU B 334 -0.45 -5.56 3.43
N HIS B 335 -0.27 -4.88 2.30
CA HIS B 335 -0.99 -3.62 2.11
C HIS B 335 -2.49 -3.86 2.17
N HIS B 336 -2.99 -4.82 1.36
CA HIS B 336 -4.42 -5.08 1.29
C HIS B 336 -5.00 -5.51 2.64
N LEU B 337 -4.28 -6.36 3.36
CA LEU B 337 -4.83 -6.85 4.64
C LEU B 337 -4.79 -5.77 5.70
N THR B 338 -3.75 -4.92 5.68
CA THR B 338 -3.68 -3.85 6.66
C THR B 338 -4.80 -2.83 6.44
N VAL B 339 -5.07 -2.47 5.17
CA VAL B 339 -6.22 -1.62 4.87
C VAL B 339 -7.49 -2.23 5.43
N HIS B 340 -7.73 -3.52 5.16
CA HIS B 340 -8.94 -4.16 5.64
C HIS B 340 -9.03 -4.17 7.17
N ASN B 341 -7.92 -4.51 7.84
CA ASN B 341 -8.00 -4.64 9.30
C ASN B 341 -8.24 -3.29 9.97
N ILE B 342 -7.65 -2.21 9.45
CA ILE B 342 -7.98 -0.88 9.95
C ILE B 342 -9.44 -0.58 9.70
N ALA B 343 -9.91 -0.88 8.49
CA ALA B 343 -11.32 -0.66 8.17
C ALA B 343 -12.24 -1.38 9.15
N TYR B 344 -11.93 -2.64 9.49
CA TYR B 344 -12.77 -3.37 10.44
C TYR B 344 -12.86 -2.63 11.77
N GLN B 345 -11.71 -2.17 12.28
CA GLN B 345 -11.70 -1.48 13.56
C GLN B 345 -12.55 -0.21 13.51
N LEU B 346 -12.42 0.57 12.43
CA LEU B 346 -13.18 1.80 12.33
C LEU B 346 -14.67 1.52 12.14
N GLN B 347 -14.98 0.49 11.36
CA GLN B 347 -16.38 0.09 11.17
C GLN B 347 -17.00 -0.39 12.48
N LEU B 348 -16.24 -1.16 13.26
CA LEU B 348 -16.74 -1.64 14.54
C LEU B 348 -17.14 -0.48 15.44
N LEU B 349 -16.24 0.49 15.60
CA LEU B 349 -16.54 1.60 16.49
C LEU B 349 -17.67 2.47 15.95
N SER B 350 -17.72 2.65 14.62
CA SER B 350 -18.84 3.36 14.01
C SER B 350 -20.16 2.68 14.32
N ALA B 351 -20.19 1.35 14.22
CA ALA B 351 -21.42 0.62 14.50
C ALA B 351 -21.80 0.71 15.97
N VAL B 352 -20.81 0.61 16.86
CA VAL B 352 -21.04 0.83 18.28
C VAL B 352 -21.68 2.18 18.51
N ARG B 353 -21.09 3.23 17.93
CA ARG B 353 -21.60 4.58 18.15
C ARG B 353 -23.02 4.73 17.61
N SER B 354 -23.28 4.24 16.40
CA SER B 354 -24.64 4.31 15.84
C SER B 354 -25.63 3.65 16.78
N SER B 355 -25.25 2.55 17.42
CA SER B 355 -26.18 1.83 18.27
C SER B 355 -26.50 2.63 19.51
N ILE B 356 -25.54 3.40 20.02
CA ILE B 356 -25.82 4.21 21.20
C ILE B 356 -26.75 5.36 20.82
N LEU B 357 -26.52 5.97 19.66
CA LEU B 357 -27.38 7.06 19.23
C LEU B 357 -28.82 6.61 19.02
N GLU B 358 -29.03 5.40 18.50
CA GLU B 358 -30.38 4.88 18.31
C GLU B 358 -30.89 4.14 19.55
N GLN B 359 -30.18 4.23 20.67
CA GLN B 359 -30.60 3.61 21.94
C GLN B 359 -30.89 2.11 21.77
N ARG B 360 -29.95 1.43 21.12
CA ARG B 360 -30.04 -0.02 20.96
C ARG B 360 -28.69 -0.64 21.23
N PHE B 361 -27.90 -0.04 22.11
CA PHE B 361 -26.56 -0.55 22.36
C PHE B 361 -26.60 -1.94 23.01
N PRO B 362 -27.45 -2.22 24.00
CA PRO B 362 -27.44 -3.60 24.53
C PRO B 362 -27.76 -4.64 23.48
N ASP B 363 -28.70 -4.35 22.58
CA ASP B 363 -28.98 -5.24 21.46
C ASP B 363 -27.75 -5.41 20.58
N PHE B 364 -27.03 -4.31 20.32
CA PHE B 364 -25.81 -4.40 19.53
C PHE B 364 -24.80 -5.33 20.20
N VAL B 365 -24.62 -5.18 21.51
CA VAL B 365 -23.66 -6.02 22.22
C VAL B 365 -24.07 -7.47 22.14
N ARG B 366 -25.37 -7.75 22.33
CA ARG B 366 -25.82 -9.15 22.24
C ARG B 366 -25.58 -9.72 20.87
N ASN B 367 -25.83 -8.94 19.82
N ASN B 367 -25.86 -8.94 19.82
CA ASN B 367 -25.59 -9.45 18.48
CA ASN B 367 -25.60 -9.39 18.45
C ASN B 367 -24.10 -9.61 18.22
C ASN B 367 -24.11 -9.61 18.23
N PHE B 368 -23.29 -8.66 18.69
CA PHE B 368 -21.85 -8.78 18.53
C PHE B 368 -21.33 -10.05 19.19
N MET B 369 -21.75 -10.30 20.43
CA MET B 369 -21.25 -11.44 21.18
C MET B 369 -21.75 -12.75 20.59
N ARG B 370 -23.01 -12.78 20.16
CA ARG B 370 -23.54 -14.02 19.57
C ARG B 370 -22.82 -14.36 18.26
N THR B 371 -22.51 -13.34 17.45
CA THR B 371 -21.81 -13.58 16.20
C THR B 371 -20.36 -14.01 16.44
N MET B 372 -19.72 -13.41 17.44
CA MET B 372 -18.32 -13.68 17.73
C MET B 372 -18.14 -15.02 18.42
N TYR B 373 -19.02 -15.37 19.36
CA TYR B 373 -18.83 -16.53 20.22
C TYR B 373 -19.94 -17.57 20.14
N GLY B 374 -21.17 -17.17 19.87
CA GLY B 374 -22.30 -18.09 19.97
C GLY B 374 -23.06 -17.93 21.27
N ASP B 375 -23.50 -19.04 21.86
CA ASP B 375 -24.27 -19.01 23.11
C ASP B 375 -23.48 -18.32 24.21
N HIS B 376 -24.22 -17.77 25.19
CA HIS B 376 -23.59 -17.01 26.26
C HIS B 376 -22.60 -17.86 27.04
N SER B 377 -22.80 -19.19 27.08
CA SER B 377 -21.87 -20.06 27.78
C SER B 377 -20.54 -20.18 27.05
N LEU B 378 -20.48 -19.78 25.78
CA LEU B 378 -19.24 -19.73 25.02
C LEU B 378 -18.58 -18.36 25.05
N CYS B 379 -19.27 -17.35 25.58
CA CYS B 379 -18.68 -16.03 25.69
C CYS B 379 -17.63 -16.01 26.80
N PRO B 380 -16.61 -15.15 26.69
CA PRO B 380 -15.63 -15.03 27.77
C PRO B 380 -16.32 -14.64 29.06
N ALA B 381 -16.03 -15.39 30.13
CA ALA B 381 -16.68 -15.14 31.41
C ALA B 381 -16.41 -13.74 31.92
N TRP B 382 -15.18 -13.23 31.76
CA TRP B 382 -14.89 -11.88 32.22
C TRP B 382 -15.80 -10.87 31.53
N ALA B 383 -16.09 -11.11 30.24
CA ALA B 383 -16.86 -10.13 29.49
C ALA B 383 -18.34 -10.20 29.87
N VAL B 384 -18.85 -11.40 30.11
CA VAL B 384 -20.20 -11.55 30.63
C VAL B 384 -20.34 -10.81 31.96
N GLU B 385 -19.37 -10.98 32.86
CA GLU B 385 -19.46 -10.33 34.16
C GLU B 385 -19.36 -8.81 34.02
N ALA B 386 -18.40 -8.33 33.23
CA ALA B 386 -18.23 -6.89 33.03
C ALA B 386 -19.49 -6.27 32.44
N LEU B 387 -20.07 -6.90 31.42
CA LEU B 387 -21.30 -6.36 30.83
C LEU B 387 -22.46 -6.39 31.83
N ALA B 388 -22.59 -7.48 32.61
CA ALA B 388 -23.65 -7.52 33.61
C ALA B 388 -23.50 -6.40 34.62
N SER B 389 -22.27 -5.96 34.89
CA SER B 389 -22.06 -4.91 35.90
C SER B 389 -22.66 -3.58 35.47
N VAL B 390 -22.89 -3.39 34.17
CA VAL B 390 -23.55 -2.19 33.66
C VAL B 390 -24.91 -2.54 33.05
N GLY B 391 -25.50 -3.67 33.46
CA GLY B 391 -26.88 -3.96 33.14
C GLY B 391 -27.13 -4.65 31.83
N ILE B 392 -26.09 -5.07 31.11
CA ILE B 392 -26.25 -5.70 29.81
C ILE B 392 -26.15 -7.20 30.00
N MET B 393 -27.28 -7.90 29.86
CA MET B 393 -27.34 -9.34 30.02
C MET B 393 -27.40 -10.01 28.65
N LEU B 394 -26.76 -11.16 28.53
CA LEU B 394 -26.65 -11.82 27.23
C LEU B 394 -27.68 -12.93 27.08
ZN ZN C . 4.75 13.75 -9.84
S SO4 D . 19.10 1.92 -39.60
O1 SO4 D . 19.88 2.16 -38.40
O2 SO4 D . 19.72 0.86 -40.38
O3 SO4 D . 19.03 3.14 -40.40
O4 SO4 D . 17.73 1.52 -39.25
S SO4 E . 19.39 11.04 6.61
O1 SO4 E . 19.86 9.74 7.10
O2 SO4 E . 19.93 12.09 7.48
O3 SO4 E . 17.93 11.11 6.66
O4 SO4 E . 19.88 11.22 5.24
C1 PEG F . 11.14 1.48 -3.72
O1 PEG F . 10.14 0.51 -3.98
C2 PEG F . 11.01 2.03 -2.33
O2 PEG F . 10.97 0.95 -1.42
C3 PEG F . 10.37 1.29 -0.18
C4 PEG F . 10.29 0.08 0.70
O4 PEG F . 9.38 -0.89 0.18
O1 PG4 G . 18.67 2.29 -2.31
C1 PG4 G . 17.71 1.78 -3.24
C2 PG4 G . 16.32 1.89 -2.71
O2 PG4 G . 16.27 1.26 -1.44
C3 PG4 G . 15.00 1.31 -0.82
C4 PG4 G . 15.04 0.52 0.44
O3 PG4 G . 15.93 1.12 1.37
C5 PG4 G . 15.92 0.48 2.64
C6 PG4 G . 16.49 1.38 3.67
O4 PG4 G . 17.87 1.58 3.39
C7 PG4 G . 18.48 2.53 4.25
C8 PG4 G . 19.88 2.78 3.80
O5 PG4 G . 19.92 3.27 2.46
ZN ZN H . -12.50 -5.26 3.95
S SO4 I . 6.44 -22.82 -4.19
O1 SO4 I . 7.81 -23.04 -4.70
O2 SO4 I . 6.48 -22.51 -2.77
O3 SO4 I . 5.82 -21.72 -4.93
O4 SO4 I . 5.62 -24.00 -4.40
S SO4 J . -31.87 -4.18 27.33
O1 SO4 J . -30.87 -5.20 27.64
O2 SO4 J . -33.13 -4.51 27.99
O3 SO4 J . -31.42 -2.86 27.79
O4 SO4 J . -32.10 -4.05 25.88
C1 PGE K . 1.98 9.85 12.69
O1 PGE K . 1.85 8.44 12.86
C2 PGE K . 1.69 10.29 11.28
O2 PGE K . 0.37 9.92 10.89
C3 PGE K . -0.04 10.58 9.69
C4 PGE K . 0.48 9.83 8.51
O4 PGE K . -0.55 8.08 5.12
C6 PGE K . -1.52 8.05 6.16
C5 PGE K . -1.32 9.16 7.15
O3 PGE K . -0.39 8.78 8.17
C1 PEG L . -14.24 10.23 14.16
O1 PEG L . -14.29 8.90 14.70
C2 PEG L . -15.29 10.47 13.12
O2 PEG L . -15.49 11.87 12.96
C3 PEG L . -16.85 12.22 12.74
C4 PEG L . -17.23 13.40 13.57
O4 PEG L . -18.63 13.46 13.80
O1 PG4 M . -19.50 -6.66 8.77
C1 PG4 M . -19.02 -5.32 8.77
C2 PG4 M . -17.82 -5.18 9.66
O2 PG4 M . -18.15 -5.54 10.99
C3 PG4 M . -18.41 -4.40 11.82
C4 PG4 M . -18.43 -4.84 13.25
O3 PG4 M . -19.40 -5.87 13.45
C5 PG4 M . -20.62 -5.40 13.98
C6 PG4 M . -21.10 -6.29 15.08
O4 PG4 M . -21.15 -7.65 14.66
C7 PG4 M . -22.28 -7.94 13.84
C8 PG4 M . -21.96 -9.07 12.91
O5 PG4 M . -22.95 -9.26 11.93
O1 P6G N . -19.91 21.48 25.19
C2 P6G N . -18.52 21.64 25.22
C3 P6G N . -18.10 22.29 23.91
O4 P6G N . -18.36 21.38 22.88
C5 P6G N . -17.26 20.65 22.43
C6 P6G N . -17.74 19.66 21.38
O7 P6G N . -17.95 20.37 20.19
C8 P6G N . -18.66 19.66 19.22
C9 P6G N . -17.95 19.85 17.88
O10 P6G N . -18.13 21.16 17.45
C11 P6G N . -18.44 21.28 16.09
C12 P6G N . -17.67 22.48 15.52
O13 P6G N . -18.23 23.65 16.04
C14 P6G N . -18.58 24.59 15.07
C15 P6G N . -19.11 25.83 15.78
O16 P6G N . -18.02 26.56 16.28
C17 P6G N . -18.17 27.94 16.12
C18 P6G N . -16.78 28.57 15.96
O19 P6G N . -16.79 29.39 14.82
C1 CIT O . 0.54 -0.13 29.68
O1 CIT O . 1.13 -1.02 30.33
O2 CIT O . -0.63 -0.23 29.25
C2 CIT O . 1.27 1.17 29.40
C3 CIT O . 0.48 2.14 28.52
O7 CIT O . -0.86 2.21 29.00
C4 CIT O . 1.10 3.55 28.48
C5 CIT O . 1.13 4.36 29.77
O3 CIT O . 0.82 3.82 30.85
O4 CIT O . 1.52 5.54 29.66
C6 CIT O . 0.46 1.63 27.07
O5 CIT O . 1.55 1.48 26.51
O6 CIT O . -0.66 1.39 26.59
#